data_4E6K
#
_entry.id   4E6K
#
_cell.length_a   135.005
_cell.length_b   135.005
_cell.length_c   200.890
_cell.angle_alpha   90.000
_cell.angle_beta   90.000
_cell.angle_gamma   90.000
#
_symmetry.space_group_name_H-M   'P 4 21 2'
#
loop_
_entity.id
_entity.type
_entity.pdbx_description
1 polymer Bacterioferritin
2 polymer 'bacterioferritin-associated ferredoxin'
3 non-polymer 'POTASSIUM ION'
4 non-polymer 'PROTOPORPHYRIN IX CONTAINING FE'
5 non-polymer 'SODIUM ION'
6 non-polymer 'FE2/S2 (INORGANIC) CLUSTER'
7 non-polymer 'PHOSPHATE ION'
8 water water
#
loop_
_entity_poly.entity_id
_entity_poly.type
_entity_poly.pdbx_seq_one_letter_code
_entity_poly.pdbx_strand_id
1 'polypeptide(L)'
;MKGDKKVIQHLNKILGNELIAINQYFLHSRMWNDWGLKRLGAHEYHESIDEMKHADKLIERILFLEGLPNLQDLGKLLIG
ENTQEMLQCDLNLELKATKDLREAIVHCEQVHDYVSRDLLKDILESEEEHIDYLETQLGLIQKVGLENYLQSHMHEDD
;
A,B,C,D,E,F
2 'polypeptide(L)' MYVCLCQGVTDNQIRDAIYEGCCSYREVREATGVGTQCGKCASLAKQVVRETLNDLQSAQPVPAFGTTAFVAA G,H,I
#
loop_
_chem_comp.id
_chem_comp.type
_chem_comp.name
_chem_comp.formula
FES non-polymer 'FE2/S2 (INORGANIC) CLUSTER' 'Fe2 S2'
HEM non-polymer 'PROTOPORPHYRIN IX CONTAINING FE' 'C34 H32 Fe N4 O4'
K non-polymer 'POTASSIUM ION' 'K 1'
NA non-polymer 'SODIUM ION' 'Na 1'
PO4 non-polymer 'PHOSPHATE ION' 'O4 P -3'
#
# COMPACT_ATOMS: atom_id res chain seq x y z
N MET A 1 29.27 13.41 28.88
CA MET A 1 29.73 12.12 28.25
C MET A 1 29.94 11.07 29.32
N LYS A 2 29.15 10.00 29.30
CA LYS A 2 29.13 9.08 30.43
C LYS A 2 30.36 8.15 30.46
N GLY A 3 31.02 7.97 29.32
CA GLY A 3 32.08 6.99 29.22
C GLY A 3 33.44 7.50 29.70
N ASP A 4 34.23 6.60 30.30
CA ASP A 4 35.63 6.92 30.63
C ASP A 4 36.43 7.05 29.33
N LYS A 5 37.22 8.12 29.21
CA LYS A 5 37.92 8.40 27.95
C LYS A 5 38.93 7.30 27.56
N LYS A 6 39.63 6.78 28.55
CA LYS A 6 40.58 5.72 28.32
C LYS A 6 39.85 4.40 28.00
N VAL A 7 38.70 4.14 28.62
CA VAL A 7 37.91 2.98 28.18
C VAL A 7 37.58 3.10 26.70
N ILE A 8 37.11 4.26 26.27
CA ILE A 8 36.78 4.45 24.86
C ILE A 8 38.01 4.26 23.96
N GLN A 9 39.16 4.71 24.42
CA GLN A 9 40.37 4.51 23.65
C GLN A 9 40.69 3.03 23.52
N HIS A 10 40.58 2.30 24.62
CA HIS A 10 40.79 0.85 24.61
C HIS A 10 39.79 0.14 23.67
N LEU A 11 38.51 0.50 23.77
CA LEU A 11 37.52 -0.13 22.89
C LEU A 11 37.82 0.14 21.42
N ASN A 12 38.22 1.38 21.10
CA ASN A 12 38.64 1.70 19.73
C ASN A 12 39.88 0.96 19.33
N LYS A 13 40.75 0.67 20.29
CA LYS A 13 41.95 -0.07 19.92
C LYS A 13 41.54 -1.51 19.57
N ILE A 14 40.67 -2.13 20.38
CA ILE A 14 40.17 -3.49 20.07
C ILE A 14 39.39 -3.49 18.74
N LEU A 15 38.59 -2.47 18.52
CA LEU A 15 37.89 -2.33 17.25
C LEU A 15 38.87 -2.31 16.09
N GLY A 16 39.93 -1.53 16.21
CA GLY A 16 40.92 -1.47 15.16
C GLY A 16 41.51 -2.85 14.87
N ASN A 17 41.78 -3.64 15.92
CA ASN A 17 42.28 -5.01 15.71
C ASN A 17 41.25 -5.87 15.00
N GLU A 18 39.99 -5.75 15.39
CA GLU A 18 38.93 -6.54 14.75
C GLU A 18 38.83 -6.17 13.27
N LEU A 19 38.98 -4.87 12.97
CA LEU A 19 38.86 -4.44 11.59
C LEU A 19 40.00 -5.00 10.72
N ILE A 20 41.21 -5.10 11.28
CA ILE A 20 42.30 -5.72 10.57
C ILE A 20 41.97 -7.21 10.31
N ALA A 21 41.51 -7.91 11.34
CA ALA A 21 41.20 -9.34 11.23
C ALA A 21 40.08 -9.64 10.23
N ILE A 22 39.04 -8.80 10.20
CA ILE A 22 37.99 -8.96 9.21
C ILE A 22 38.59 -9.06 7.81
N ASN A 23 39.43 -8.10 7.44
CA ASN A 23 39.95 -8.04 6.09
C ASN A 23 40.97 -9.13 5.82
N GLN A 24 41.82 -9.40 6.80
CA GLN A 24 42.84 -10.43 6.64
C GLN A 24 42.18 -11.83 6.46
N TYR A 25 41.22 -12.13 7.30
CA TYR A 25 40.56 -13.42 7.21
C TYR A 25 39.73 -13.51 5.93
N PHE A 26 39.08 -12.42 5.55
CA PHE A 26 38.27 -12.46 4.34
C PHE A 26 39.15 -12.74 3.13
N LEU A 27 40.28 -12.04 3.04
CA LEU A 27 41.20 -12.28 1.92
C LEU A 27 41.79 -13.69 1.97
N HIS A 28 42.21 -14.15 3.14
CA HIS A 28 42.72 -15.51 3.24
C HIS A 28 41.65 -16.53 2.79
N SER A 29 40.42 -16.30 3.20
CA SER A 29 39.32 -17.18 2.82
C SER A 29 39.21 -17.30 1.30
N ARG A 30 39.17 -16.15 0.64
CA ARG A 30 38.99 -16.12 -0.80
C ARG A 30 40.19 -16.65 -1.56
N MET A 31 41.39 -16.50 -0.97
CA MET A 31 42.58 -17.09 -1.55
C MET A 31 42.51 -18.63 -1.52
N TRP A 32 42.11 -19.17 -0.37
CA TRP A 32 41.93 -20.60 -0.22
C TRP A 32 40.87 -21.13 -1.18
N ASN A 33 39.75 -20.41 -1.34
CA ASN A 33 38.76 -20.84 -2.34
C ASN A 33 39.32 -20.84 -3.75
N ASP A 34 40.08 -19.81 -4.09
CA ASP A 34 40.70 -19.71 -5.41
C ASP A 34 41.58 -20.93 -5.66
N TRP A 35 42.29 -21.38 -4.64
CA TRP A 35 43.20 -22.55 -4.76
C TRP A 35 42.48 -23.89 -4.69
N GLY A 36 41.18 -23.87 -4.41
CA GLY A 36 40.43 -25.12 -4.32
C GLY A 36 40.51 -25.78 -2.94
N LEU A 37 40.95 -25.02 -1.92
CA LEU A 37 40.97 -25.54 -0.56
C LEU A 37 39.72 -25.05 0.15
N LYS A 38 38.59 -25.59 -0.28
CA LYS A 38 37.29 -25.01 0.10
C LYS A 38 36.96 -25.16 1.57
N ARG A 39 37.47 -26.19 2.22
CA ARG A 39 37.17 -26.35 3.64
C ARG A 39 37.88 -25.26 4.44
N LEU A 40 39.12 -24.94 4.09
CA LEU A 40 39.83 -23.82 4.73
C LEU A 40 39.15 -22.50 4.37
N GLY A 41 38.77 -22.33 3.11
CA GLY A 41 38.09 -21.12 2.70
C GLY A 41 36.82 -20.91 3.52
N ALA A 42 36.04 -21.98 3.71
CA ALA A 42 34.78 -21.83 4.44
C ALA A 42 35.05 -21.52 5.91
N HIS A 43 35.99 -22.22 6.51
CA HIS A 43 36.29 -21.97 7.93
C HIS A 43 36.74 -20.53 8.14
N GLU A 44 37.60 -20.05 7.25
CA GLU A 44 38.17 -18.70 7.38
C GLU A 44 37.11 -17.62 7.11
N TYR A 45 36.20 -17.89 6.18
CA TYR A 45 35.05 -16.99 5.97
C TYR A 45 34.29 -16.79 7.28
N HIS A 46 34.01 -17.88 7.99
CA HIS A 46 33.28 -17.80 9.24
C HIS A 46 34.06 -17.07 10.36
N GLU A 47 35.36 -17.22 10.38
CA GLU A 47 36.20 -16.42 11.27
C GLU A 47 36.05 -14.93 10.96
N SER A 48 36.03 -14.57 9.68
CA SER A 48 35.85 -13.17 9.29
C SER A 48 34.51 -12.64 9.78
N ILE A 49 33.45 -13.38 9.49
CA ILE A 49 32.11 -13.03 9.96
C ILE A 49 32.07 -12.85 11.48
N ASP A 50 32.73 -13.75 12.22
CA ASP A 50 32.71 -13.63 13.68
C ASP A 50 33.39 -12.35 14.13
N GLU A 51 34.46 -11.94 13.45
CA GLU A 51 35.12 -10.66 13.78
C GLU A 51 34.22 -9.47 13.47
N MET A 52 33.45 -9.59 12.39
CA MET A 52 32.47 -8.57 12.05
C MET A 52 31.45 -8.38 13.18
N LYS A 53 30.98 -9.49 13.73
CA LYS A 53 30.03 -9.40 14.83
C LYS A 53 30.63 -8.76 16.09
N HIS A 54 31.89 -9.09 16.41
CA HIS A 54 32.58 -8.43 17.52
C HIS A 54 32.69 -6.91 17.26
N ALA A 55 33.08 -6.53 16.05
CA ALA A 55 33.22 -5.12 15.71
C ALA A 55 31.90 -4.41 15.90
N ASP A 56 30.81 -5.04 15.47
CA ASP A 56 29.49 -4.45 15.67
C ASP A 56 29.24 -4.15 17.14
N LYS A 57 29.46 -5.14 18.00
CA LYS A 57 29.20 -4.97 19.42
C LYS A 57 30.08 -3.87 20.03
N LEU A 58 31.31 -3.78 19.53
CA LEU A 58 32.21 -2.71 19.97
C LEU A 58 31.71 -1.33 19.58
N ILE A 59 31.30 -1.19 18.31
CA ILE A 59 30.78 0.07 17.81
C ILE A 59 29.56 0.48 18.62
N GLU A 60 28.70 -0.49 18.96
CA GLU A 60 27.50 -0.20 19.71
C GLU A 60 27.82 0.28 21.10
N ARG A 61 28.77 -0.38 21.73
CA ARG A 61 29.17 -0.01 23.08
C ARG A 61 29.83 1.39 23.11
N ILE A 62 30.64 1.71 22.11
CA ILE A 62 31.33 2.99 22.06
C ILE A 62 30.28 4.10 21.94
N LEU A 63 29.31 3.90 21.05
CA LEU A 63 28.21 4.87 20.91
C LEU A 63 27.41 5.06 22.18
N PHE A 64 27.12 3.98 22.90
CA PHE A 64 26.40 4.11 24.15
C PHE A 64 27.19 4.97 25.15
N LEU A 65 28.51 4.76 25.19
CA LEU A 65 29.37 5.50 26.11
C LEU A 65 29.63 6.92 25.63
N GLU A 66 29.10 7.24 24.45
CA GLU A 66 29.17 8.57 23.84
C GLU A 66 30.53 8.92 23.24
N GLY A 67 31.31 7.91 22.92
CA GLY A 67 32.53 8.10 22.17
C GLY A 67 32.31 7.97 20.69
N LEU A 68 33.37 8.17 19.93
CA LEU A 68 33.33 8.10 18.49
C LEU A 68 33.96 6.82 18.00
N PRO A 69 33.16 5.89 17.45
CA PRO A 69 33.81 4.68 16.95
C PRO A 69 34.70 5.01 15.77
N ASN A 70 35.91 4.46 15.77
CA ASN A 70 36.87 4.71 14.72
C ASN A 70 36.92 3.58 13.72
N LEU A 71 36.27 3.77 12.56
CA LEU A 71 36.36 2.79 11.48
C LEU A 71 37.30 3.26 10.38
N GLN A 72 38.00 4.38 10.60
CA GLN A 72 38.78 4.98 9.52
C GLN A 72 40.20 4.41 9.47
N ASP A 73 40.73 4.10 10.64
CA ASP A 73 42.10 3.64 10.73
C ASP A 73 42.11 2.12 10.57
N LEU A 74 42.82 1.70 9.55
CA LEU A 74 42.98 0.28 9.25
C LEU A 74 44.48 0.00 9.28
N GLY A 75 44.94 -0.73 10.29
CA GLY A 75 46.34 -1.12 10.38
C GLY A 75 46.74 -2.17 9.37
N LYS A 76 47.96 -2.68 9.49
CA LYS A 76 48.54 -3.57 8.51
C LYS A 76 47.96 -4.98 8.60
N LEU A 77 47.54 -5.47 7.45
CA LEU A 77 47.14 -6.86 7.28
C LEU A 77 48.39 -7.73 7.19
N LEU A 78 48.35 -8.93 7.76
CA LEU A 78 49.41 -9.93 7.55
C LEU A 78 48.93 -11.02 6.58
N ILE A 79 49.22 -10.88 5.29
CA ILE A 79 48.74 -11.80 4.30
C ILE A 79 49.85 -12.78 3.90
N GLY A 80 49.62 -14.07 4.15
CA GLY A 80 50.57 -15.11 3.79
C GLY A 80 50.53 -15.52 2.32
N GLU A 81 51.53 -16.28 1.89
CA GLU A 81 51.64 -16.69 0.50
C GLU A 81 51.30 -18.16 0.29
N ASN A 82 51.21 -18.93 1.37
CA ASN A 82 50.84 -20.35 1.30
C ASN A 82 50.11 -20.69 2.58
N THR A 83 49.52 -21.88 2.64
CA THR A 83 48.61 -22.23 3.73
C THR A 83 49.30 -22.14 5.09
N GLN A 84 50.50 -22.68 5.20
CA GLN A 84 51.19 -22.64 6.49
C GLN A 84 51.48 -21.20 6.91
N GLU A 85 51.92 -20.35 5.99
CA GLU A 85 52.20 -18.96 6.35
C GLU A 85 50.92 -18.21 6.71
N MET A 86 49.82 -18.53 6.04
CA MET A 86 48.57 -17.80 6.30
C MET A 86 48.07 -18.11 7.69
N LEU A 87 48.14 -19.38 8.08
CA LEU A 87 47.71 -19.79 9.41
C LEU A 87 48.56 -19.08 10.45
N GLN A 88 49.87 -19.04 10.23
CA GLN A 88 50.77 -18.41 11.19
C GLN A 88 50.51 -16.91 11.28
N CYS A 89 50.22 -16.30 10.14
CA CYS A 89 49.85 -14.88 10.11
C CYS A 89 48.60 -14.61 10.94
N ASP A 90 47.59 -15.46 10.80
CA ASP A 90 46.37 -15.31 11.62
C ASP A 90 46.75 -15.44 13.10
N LEU A 91 47.61 -16.40 13.41
CA LEU A 91 47.99 -16.65 14.80
C LEU A 91 48.78 -15.45 15.38
N ASN A 92 49.70 -14.90 14.61
CA ASN A 92 50.42 -13.69 15.02
C ASN A 92 49.47 -12.54 15.32
N LEU A 93 48.50 -12.35 14.45
CA LEU A 93 47.52 -11.32 14.66
C LEU A 93 46.74 -11.56 15.97
N GLU A 94 46.31 -12.81 16.19
CA GLU A 94 45.49 -13.14 17.36
C GLU A 94 46.24 -13.01 18.71
N LEU A 95 47.54 -13.27 18.72
CA LEU A 95 48.31 -13.09 19.94
C LEU A 95 48.40 -11.60 20.31
N LYS A 96 48.59 -10.75 19.32
CA LYS A 96 48.52 -9.32 19.57
C LYS A 96 47.12 -8.90 20.06
N ALA A 97 46.07 -9.46 19.46
CA ALA A 97 44.71 -9.08 19.80
C ALA A 97 44.40 -9.44 21.26
N THR A 98 44.82 -10.61 21.69
CA THR A 98 44.51 -11.02 23.05
C THR A 98 45.31 -10.23 24.08
N LYS A 99 46.53 -9.84 23.74
CA LYS A 99 47.29 -8.98 24.65
C LYS A 99 46.55 -7.65 24.86
N ASP A 100 46.05 -7.08 23.78
CA ASP A 100 45.34 -5.80 23.91
C ASP A 100 44.05 -5.97 24.67
N LEU A 101 43.37 -7.11 24.50
CA LEU A 101 42.10 -7.33 25.21
C LEU A 101 42.34 -7.41 26.72
N ARG A 102 43.39 -8.11 27.14
CA ARG A 102 43.71 -8.21 28.57
C ARG A 102 44.00 -6.83 29.17
N GLU A 103 44.73 -6.00 28.44
CA GLU A 103 45.03 -4.65 28.92
C GLU A 103 43.77 -3.78 29.00
N ALA A 104 42.86 -3.98 28.05
CA ALA A 104 41.60 -3.22 28.08
C ALA A 104 40.77 -3.63 29.29
N ILE A 105 40.71 -4.94 29.56
CA ILE A 105 39.95 -5.44 30.70
C ILE A 105 40.48 -4.89 32.04
N VAL A 106 41.80 -4.92 32.19
CA VAL A 106 42.40 -4.30 33.38
C VAL A 106 41.89 -2.88 33.60
N HIS A 107 41.88 -2.07 32.55
CA HIS A 107 41.49 -0.70 32.75
C HIS A 107 39.99 -0.58 33.05
N CYS A 108 39.15 -1.36 32.37
CA CYS A 108 37.72 -1.40 32.70
C CYS A 108 37.46 -1.70 34.17
N GLU A 109 38.15 -2.71 34.69
CA GLU A 109 37.97 -3.06 36.08
C GLU A 109 38.34 -1.86 36.98
N GLN A 110 39.44 -1.19 36.65
CA GLN A 110 39.98 -0.11 37.48
C GLN A 110 38.96 1.04 37.60
N VAL A 111 38.29 1.36 36.49
CA VAL A 111 37.32 2.46 36.52
C VAL A 111 35.87 2.00 36.70
N HIS A 112 35.69 0.73 37.05
CA HIS A 112 34.39 0.16 37.41
C HIS A 112 33.40 0.07 36.26
N ASP A 113 33.89 -0.06 35.03
CA ASP A 113 33.02 -0.27 33.85
C ASP A 113 32.86 -1.77 33.65
N TYR A 114 32.04 -2.37 34.50
CA TYR A 114 31.91 -3.81 34.54
C TYR A 114 31.19 -4.41 33.32
N VAL A 115 30.33 -3.62 32.69
CA VAL A 115 29.64 -4.08 31.48
C VAL A 115 30.62 -4.11 30.31
N SER A 116 31.45 -3.08 30.17
CA SER A 116 32.48 -3.12 29.10
C SER A 116 33.47 -4.27 29.33
N ARG A 117 33.84 -4.51 30.59
CA ARG A 117 34.71 -5.63 30.89
C ARG A 117 34.10 -6.94 30.41
N ASP A 118 32.82 -7.12 30.68
CA ASP A 118 32.12 -8.36 30.35
C ASP A 118 32.08 -8.58 28.84
N LEU A 119 31.83 -7.52 28.07
CA LEU A 119 31.89 -7.59 26.62
C LEU A 119 33.26 -8.03 26.10
N LEU A 120 34.32 -7.41 26.64
CA LEU A 120 35.68 -7.73 26.25
C LEU A 120 36.05 -9.14 26.63
N LYS A 121 35.62 -9.60 27.79
CA LYS A 121 35.90 -10.97 28.22
C LYS A 121 35.25 -11.98 27.26
N ASP A 122 34.05 -11.67 26.79
CA ASP A 122 33.38 -12.53 25.79
C ASP A 122 34.16 -12.61 24.47
N ILE A 123 34.64 -11.46 24.01
CA ILE A 123 35.45 -11.41 22.80
C ILE A 123 36.74 -12.21 23.03
N LEU A 124 37.36 -11.98 24.19
CA LEU A 124 38.61 -12.69 24.52
C LEU A 124 38.38 -14.21 24.45
N GLU A 125 37.23 -14.67 24.91
CA GLU A 125 37.00 -16.09 24.91
C GLU A 125 36.96 -16.61 23.49
N SER A 126 36.32 -15.85 22.60
CA SER A 126 36.23 -16.24 21.20
CA SER A 126 36.23 -16.21 21.20
C SER A 126 37.60 -16.21 20.54
N GLU A 127 38.40 -15.18 20.81
CA GLU A 127 39.72 -15.11 20.19
C GLU A 127 40.65 -16.26 20.69
N GLU A 128 40.51 -16.64 21.95
CA GLU A 128 41.26 -17.77 22.47
C GLU A 128 40.84 -19.06 21.76
N GLU A 129 39.56 -19.23 21.48
CA GLU A 129 39.12 -20.39 20.70
C GLU A 129 39.73 -20.38 19.30
N HIS A 130 39.92 -19.19 18.73
CA HIS A 130 40.55 -19.12 17.43
C HIS A 130 42.02 -19.50 17.52
N ILE A 131 42.68 -19.05 18.57
CA ILE A 131 44.07 -19.44 18.80
C ILE A 131 44.15 -20.95 18.91
N ASP A 132 43.24 -21.56 19.67
CA ASP A 132 43.21 -23.03 19.75
C ASP A 132 43.13 -23.69 18.36
N TYR A 133 42.20 -23.26 17.54
CA TYR A 133 42.06 -23.78 16.19
C TYR A 133 43.36 -23.64 15.37
N LEU A 134 43.97 -22.46 15.43
CA LEU A 134 45.20 -22.21 14.65
C LEU A 134 46.37 -23.09 15.07
N GLU A 135 46.60 -23.21 16.37
CA GLU A 135 47.68 -24.03 16.87
C GLU A 135 47.39 -25.49 16.50
N THR A 136 46.13 -25.89 16.59
CA THR A 136 45.75 -27.23 16.19
C THR A 136 46.08 -27.48 14.72
N GLN A 137 45.74 -26.54 13.83
CA GLN A 137 45.98 -26.75 12.40
C GLN A 137 47.48 -26.86 12.14
N LEU A 138 48.26 -25.99 12.74
CA LEU A 138 49.68 -26.01 12.53
C LEU A 138 50.29 -27.33 13.05
N GLY A 139 49.73 -27.84 14.14
CA GLY A 139 50.15 -29.13 14.68
C GLY A 139 49.75 -30.28 13.76
N LEU A 140 48.57 -30.20 13.15
CA LEU A 140 48.14 -31.25 12.24
C LEU A 140 49.04 -31.31 11.02
N ILE A 141 49.48 -30.16 10.52
CA ILE A 141 50.41 -30.16 9.40
C ILE A 141 51.64 -31.01 9.71
N GLN A 142 52.12 -30.92 10.95
CA GLN A 142 53.28 -31.69 11.36
C GLN A 142 52.96 -33.16 11.50
N LYS A 143 51.80 -33.48 12.07
CA LYS A 143 51.42 -34.87 12.33
C LYS A 143 51.03 -35.63 11.08
N VAL A 144 50.28 -35.02 10.16
CA VAL A 144 49.79 -35.78 9.02
C VAL A 144 50.57 -35.45 7.77
N GLY A 145 51.41 -34.41 7.84
CA GLY A 145 52.21 -33.99 6.69
C GLY A 145 51.42 -32.97 5.85
N LEU A 146 52.11 -32.09 5.14
CA LEU A 146 51.45 -30.95 4.53
C LEU A 146 50.52 -31.41 3.40
N GLU A 147 50.96 -32.37 2.59
CA GLU A 147 50.14 -32.82 1.48
C GLU A 147 48.81 -33.42 1.94
N ASN A 148 48.86 -34.27 2.95
CA ASN A 148 47.64 -34.83 3.54
C ASN A 148 46.76 -33.74 4.17
N TYR A 149 47.40 -32.82 4.87
CA TYR A 149 46.66 -31.77 5.53
C TYR A 149 45.88 -30.98 4.47
N LEU A 150 46.54 -30.61 3.38
CA LEU A 150 45.86 -29.85 2.34
C LEU A 150 44.77 -30.68 1.66
N GLN A 151 45.04 -31.94 1.38
CA GLN A 151 44.04 -32.84 0.82
C GLN A 151 42.76 -32.86 1.64
N SER A 152 42.91 -32.91 2.96
CA SER A 152 41.79 -33.00 3.87
C SER A 152 40.98 -31.73 3.88
N HIS A 153 41.48 -30.68 3.26
CA HIS A 153 40.77 -29.40 3.24
C HIS A 153 40.36 -28.97 1.85
N MET A 154 40.39 -29.90 0.90
CA MET A 154 39.93 -29.61 -0.47
C MET A 154 38.41 -29.50 -0.53
N HIS A 155 37.75 -30.49 0.08
CA HIS A 155 36.29 -30.60 0.02
C HIS A 155 35.64 -30.06 1.28
N GLU A 156 34.56 -29.31 1.11
CA GLU A 156 33.82 -28.79 2.25
C GLU A 156 33.06 -29.86 3.01
N ASP A 157 32.77 -29.54 4.27
CA ASP A 157 31.94 -30.37 5.13
C ASP A 157 30.44 -30.13 4.88
N MET B 1 49.42 -15.20 -16.56
CA MET B 1 48.42 -14.29 -15.91
C MET B 1 47.38 -13.85 -16.92
N LYS B 2 46.14 -14.28 -16.72
CA LYS B 2 45.13 -14.07 -17.72
C LYS B 2 44.58 -12.64 -17.68
N GLY B 3 44.75 -11.96 -16.55
CA GLY B 3 44.09 -10.68 -16.35
C GLY B 3 44.85 -9.52 -16.99
N ASP B 4 44.10 -8.56 -17.54
CA ASP B 4 44.69 -7.31 -18.01
C ASP B 4 45.04 -6.43 -16.81
N LYS B 5 46.25 -5.86 -16.77
CA LYS B 5 46.71 -5.19 -15.55
C LYS B 5 45.85 -3.98 -15.18
N LYS B 6 45.45 -3.20 -16.17
CA LYS B 6 44.61 -2.04 -15.90
C LYS B 6 43.19 -2.46 -15.52
N VAL B 7 42.71 -3.60 -16.03
CA VAL B 7 41.41 -4.11 -15.59
C VAL B 7 41.50 -4.40 -14.10
N ILE B 8 42.56 -5.09 -13.71
CA ILE B 8 42.77 -5.34 -12.30
C ILE B 8 42.90 -4.06 -11.46
N GLN B 9 43.67 -3.07 -11.93
CA GLN B 9 43.68 -1.79 -11.23
C GLN B 9 42.26 -1.19 -11.08
N HIS B 10 41.46 -1.22 -12.15
CA HIS B 10 40.11 -0.69 -12.08
C HIS B 10 39.27 -1.46 -11.06
N LEU B 11 39.33 -2.78 -11.10
CA LEU B 11 38.57 -3.60 -10.13
C LEU B 11 39.00 -3.27 -8.70
N ASN B 12 40.31 -3.11 -8.48
CA ASN B 12 40.79 -2.74 -7.15
C ASN B 12 40.35 -1.34 -6.76
N LYS B 13 40.22 -0.44 -7.72
CA LYS B 13 39.66 0.88 -7.40
C LYS B 13 38.18 0.80 -6.96
N ILE B 14 37.37 0.07 -7.71
CA ILE B 14 35.96 -0.12 -7.31
C ILE B 14 35.92 -0.81 -5.92
N LEU B 15 36.76 -1.81 -5.72
CA LEU B 15 36.82 -2.51 -4.42
C LEU B 15 37.14 -1.51 -3.29
N GLY B 16 38.13 -0.66 -3.51
CA GLY B 16 38.45 0.38 -2.57
C GLY B 16 37.26 1.27 -2.27
N ASN B 17 36.46 1.60 -3.29
CA ASN B 17 35.25 2.39 -3.05
C ASN B 17 34.24 1.65 -2.17
N GLU B 18 34.03 0.37 -2.46
CA GLU B 18 33.10 -0.46 -1.68
C GLU B 18 33.56 -0.55 -0.23
N LEU B 19 34.86 -0.66 0.01
CA LEU B 19 35.33 -0.76 1.38
C LEU B 19 35.01 0.51 2.17
N ILE B 20 35.12 1.68 1.54
CA ILE B 20 34.77 2.92 2.23
C ILE B 20 33.27 2.88 2.56
N ALA B 21 32.46 2.51 1.58
CA ALA B 21 31.00 2.52 1.73
C ALA B 21 30.56 1.54 2.83
N ILE B 22 31.15 0.34 2.86
CA ILE B 22 30.85 -0.62 3.93
C ILE B 22 30.94 0.06 5.30
N ASN B 23 32.07 0.72 5.55
CA ASN B 23 32.33 1.25 6.88
C ASN B 23 31.49 2.49 7.18
N GLN B 24 31.36 3.35 6.18
CA GLN B 24 30.59 4.56 6.31
C GLN B 24 29.12 4.20 6.61
N TYR B 25 28.56 3.29 5.83
CA TYR B 25 27.16 2.92 6.03
C TYR B 25 26.97 2.19 7.35
N PHE B 26 27.94 1.39 7.75
CA PHE B 26 27.77 0.63 9.00
C PHE B 26 27.76 1.58 10.18
N LEU B 27 28.64 2.56 10.15
CA LEU B 27 28.69 3.51 11.26
C LEU B 27 27.43 4.37 11.29
N HIS B 28 26.98 4.83 10.14
CA HIS B 28 25.73 5.59 10.08
C HIS B 28 24.54 4.80 10.60
N SER B 29 24.47 3.53 10.22
CA SER B 29 23.43 2.67 10.72
C SER B 29 23.43 2.63 12.23
N ARG B 30 24.60 2.41 12.83
CA ARG B 30 24.66 2.27 14.27
C ARG B 30 24.42 3.60 14.99
N MET B 31 24.73 4.71 14.32
CA MET B 31 24.41 6.02 14.88
C MET B 31 22.87 6.25 14.87
N TRP B 32 22.22 5.94 13.75
CA TRP B 32 20.76 6.03 13.72
C TRP B 32 20.10 5.15 14.79
N ASN B 33 20.61 3.93 15.00
CA ASN B 33 20.06 3.09 16.07
C ASN B 33 20.26 3.68 17.47
N ASP B 34 21.46 4.20 17.73
CA ASP B 34 21.74 4.87 18.99
C ASP B 34 20.75 6.01 19.22
N TRP B 35 20.41 6.74 18.17
CA TRP B 35 19.45 7.84 18.29
C TRP B 35 17.99 7.43 18.36
N GLY B 36 17.71 6.14 18.16
CA GLY B 36 16.34 5.66 18.15
C GLY B 36 15.61 5.83 16.83
N LEU B 37 16.35 6.04 15.74
CA LEU B 37 15.77 6.12 14.41
C LEU B 37 15.95 4.77 13.73
N LYS B 38 15.21 3.79 14.23
CA LYS B 38 15.48 2.38 13.93
C LYS B 38 15.21 2.03 12.50
N ARG B 39 14.27 2.72 11.87
CA ARG B 39 13.97 2.41 10.47
C ARG B 39 15.14 2.82 9.58
N LEU B 40 15.71 4.00 9.84
CA LEU B 40 16.89 4.42 9.11
C LEU B 40 18.06 3.49 9.41
N GLY B 41 18.20 3.12 10.67
CA GLY B 41 19.31 2.27 11.07
C GLY B 41 19.30 0.93 10.35
N ALA B 42 18.11 0.33 10.24
CA ALA B 42 17.93 -0.95 9.56
C ALA B 42 18.20 -0.79 8.08
N HIS B 43 17.63 0.24 7.47
CA HIS B 43 17.87 0.42 6.05
C HIS B 43 19.38 0.57 5.78
N GLU B 44 20.06 1.39 6.57
CA GLU B 44 21.48 1.67 6.32
C GLU B 44 22.32 0.40 6.56
N TYR B 45 21.90 -0.41 7.53
CA TYR B 45 22.55 -1.69 7.78
C TYR B 45 22.49 -2.54 6.52
N HIS B 46 21.33 -2.59 5.87
CA HIS B 46 21.22 -3.38 4.64
C HIS B 46 22.01 -2.81 3.47
N GLU B 47 22.16 -1.50 3.41
CA GLU B 47 23.05 -0.91 2.42
C GLU B 47 24.51 -1.34 2.66
N SER B 48 24.94 -1.39 3.91
CA SER B 48 26.30 -1.80 4.22
C SER B 48 26.50 -3.28 3.82
N ILE B 49 25.55 -4.15 4.18
CA ILE B 49 25.62 -5.55 3.81
C ILE B 49 25.71 -5.71 2.29
N ASP B 50 24.92 -4.93 1.56
CA ASP B 50 24.95 -5.02 0.10
C ASP B 50 26.33 -4.67 -0.50
N GLU B 51 26.98 -3.67 0.07
CA GLU B 51 28.33 -3.33 -0.36
C GLU B 51 29.32 -4.43 -0.01
N MET B 52 29.14 -5.09 1.14
CA MET B 52 29.98 -6.25 1.46
C MET B 52 29.86 -7.34 0.40
N LYS B 53 28.65 -7.57 -0.08
CA LYS B 53 28.44 -8.57 -1.11
C LYS B 53 29.09 -8.18 -2.44
N HIS B 54 28.97 -6.92 -2.83
CA HIS B 54 29.68 -6.43 -4.01
C HIS B 54 31.21 -6.61 -3.83
N ALA B 55 31.73 -6.29 -2.66
CA ALA B 55 33.16 -6.41 -2.39
C ALA B 55 33.62 -7.83 -2.59
N ASP B 56 32.84 -8.77 -2.07
CA ASP B 56 33.14 -10.20 -2.21
C ASP B 56 33.25 -10.61 -3.69
N LYS B 57 32.31 -10.18 -4.52
CA LYS B 57 32.35 -10.50 -5.93
C LYS B 57 33.58 -9.89 -6.65
N LEU B 58 33.94 -8.66 -6.30
CA LEU B 58 35.16 -8.05 -6.81
C LEU B 58 36.42 -8.81 -6.40
N ILE B 59 36.53 -9.14 -5.12
CA ILE B 59 37.66 -9.92 -4.63
C ILE B 59 37.80 -11.27 -5.37
N GLU B 60 36.70 -11.95 -5.58
CA GLU B 60 36.72 -13.23 -6.29
C GLU B 60 37.15 -13.07 -7.74
N ARG B 61 36.64 -12.05 -8.40
CA ARG B 61 37.01 -11.79 -9.80
C ARG B 61 38.50 -11.43 -9.93
N ILE B 62 38.99 -10.58 -9.02
CA ILE B 62 40.40 -10.19 -9.05
C ILE B 62 41.30 -11.42 -8.93
N LEU B 63 40.98 -12.29 -7.98
CA LEU B 63 41.76 -13.52 -7.80
C LEU B 63 41.67 -14.41 -9.03
N PHE B 64 40.50 -14.50 -9.67
CA PHE B 64 40.39 -15.36 -10.85
C PHE B 64 41.33 -14.83 -11.94
N LEU B 65 41.40 -13.51 -12.04
CA LEU B 65 42.24 -12.85 -13.05
C LEU B 65 43.71 -12.83 -12.64
N GLU B 66 44.03 -13.40 -11.48
CA GLU B 66 45.39 -13.56 -11.00
C GLU B 66 46.01 -12.26 -10.48
N GLY B 67 45.16 -11.36 -10.00
CA GLY B 67 45.58 -10.15 -9.32
C GLY B 67 45.47 -10.35 -7.84
N LEU B 68 45.89 -9.34 -7.10
CA LEU B 68 45.83 -9.38 -5.65
C LEU B 68 44.82 -8.35 -5.18
N PRO B 69 43.74 -8.80 -4.54
CA PRO B 69 42.75 -7.83 -4.09
C PRO B 69 43.33 -6.93 -3.01
N ASN B 70 43.07 -5.63 -3.12
CA ASN B 70 43.60 -4.66 -2.19
C ASN B 70 42.62 -4.37 -1.05
N LEU B 71 42.77 -5.07 0.07
CA LEU B 71 41.96 -4.82 1.25
C LEU B 71 42.72 -3.96 2.27
N GLN B 72 43.81 -3.33 1.85
CA GLN B 72 44.68 -2.58 2.78
C GLN B 72 44.44 -1.08 2.72
N ASP B 73 44.20 -0.56 1.52
CA ASP B 73 44.07 0.88 1.34
C ASP B 73 42.62 1.31 1.60
N LEU B 74 42.37 1.97 2.73
CA LEU B 74 41.02 2.42 3.05
C LEU B 74 40.96 3.93 2.94
N GLY B 75 40.18 4.43 1.98
CA GLY B 75 40.04 5.84 1.73
C GLY B 75 39.20 6.55 2.78
N LYS B 76 38.86 7.81 2.49
CA LYS B 76 38.24 8.67 3.49
C LYS B 76 36.76 8.36 3.65
N LEU B 77 36.37 8.07 4.88
CA LEU B 77 34.96 7.92 5.21
C LEU B 77 34.32 9.31 5.36
N LEU B 78 33.13 9.48 4.80
CA LEU B 78 32.39 10.74 4.94
C LEU B 78 31.30 10.55 5.97
N ILE B 79 31.59 10.88 7.21
CA ILE B 79 30.66 10.68 8.31
C ILE B 79 29.88 11.98 8.57
N GLY B 80 28.56 11.89 8.61
CA GLY B 80 27.74 13.00 9.03
C GLY B 80 27.47 13.08 10.51
N GLU B 81 26.94 14.23 10.92
CA GLU B 81 26.64 14.53 12.31
C GLU B 81 25.17 14.49 12.62
N ASN B 82 24.35 14.57 11.58
CA ASN B 82 22.89 14.56 11.75
C ASN B 82 22.28 13.90 10.50
N THR B 83 20.98 13.61 10.56
CA THR B 83 20.38 12.73 9.55
C THR B 83 20.54 13.25 8.16
N GLN B 84 20.22 14.52 7.95
CA GLN B 84 20.36 15.11 6.63
C GLN B 84 21.80 15.10 6.13
N GLU B 85 22.75 15.40 7.01
CA GLU B 85 24.15 15.44 6.56
C GLU B 85 24.65 14.02 6.23
N MET B 86 24.19 13.03 7.03
CA MET B 86 24.55 11.63 6.76
C MET B 86 24.05 11.16 5.40
N LEU B 87 22.77 11.42 5.09
CA LEU B 87 22.25 11.10 3.76
C LEU B 87 23.07 11.75 2.64
N GLN B 88 23.40 13.03 2.82
CA GLN B 88 24.17 13.74 1.80
C GLN B 88 25.58 13.17 1.66
N CYS B 89 26.20 12.80 2.79
CA CYS B 89 27.51 12.12 2.74
C CYS B 89 27.43 10.79 1.94
N ASP B 90 26.39 10.00 2.20
CA ASP B 90 26.19 8.78 1.42
C ASP B 90 26.02 9.13 -0.07
N LEU B 91 25.26 10.17 -0.38
CA LEU B 91 25.08 10.56 -1.78
C LEU B 91 26.40 11.02 -2.41
N ASN B 92 27.19 11.83 -1.70
CA ASN B 92 28.44 12.30 -2.27
C ASN B 92 29.34 11.10 -2.59
N LEU B 93 29.38 10.15 -1.68
CA LEU B 93 30.16 8.93 -1.89
C LEU B 93 29.70 8.18 -3.13
N GLU B 94 28.38 7.99 -3.28
CA GLU B 94 27.83 7.22 -4.40
C GLU B 94 28.09 7.88 -5.73
N LEU B 95 28.07 9.19 -5.75
CA LEU B 95 28.31 9.90 -7.00
C LEU B 95 29.75 9.69 -7.46
N LYS B 96 30.69 9.68 -6.53
CA LYS B 96 32.06 9.34 -6.88
C LYS B 96 32.16 7.85 -7.33
N ALA B 97 31.47 6.95 -6.64
CA ALA B 97 31.52 5.51 -7.00
C ALA B 97 31.04 5.21 -8.41
N THR B 98 29.96 5.86 -8.82
CA THR B 98 29.36 5.57 -10.12
C THR B 98 30.24 6.12 -11.22
N LYS B 99 30.87 7.27 -10.98
CA LYS B 99 31.84 7.78 -11.94
C LYS B 99 32.98 6.78 -12.18
N ASP B 100 33.54 6.22 -11.10
CA ASP B 100 34.58 5.21 -11.27
C ASP B 100 34.10 3.93 -11.97
N LEU B 101 32.89 3.50 -11.64
CA LEU B 101 32.33 2.30 -12.28
C LEU B 101 32.24 2.51 -13.79
N ARG B 102 31.78 3.68 -14.22
CA ARG B 102 31.65 3.92 -15.65
C ARG B 102 33.02 3.87 -16.37
N GLU B 103 34.04 4.45 -15.76
CA GLU B 103 35.40 4.40 -16.33
C GLU B 103 35.95 2.98 -16.40
N ALA B 104 35.71 2.21 -15.34
CA ALA B 104 36.11 0.82 -15.32
C ALA B 104 35.46 0.08 -16.48
N ILE B 105 34.17 0.33 -16.69
CA ILE B 105 33.44 -0.38 -17.74
C ILE B 105 33.98 -0.06 -19.13
N VAL B 106 34.22 1.23 -19.40
CA VAL B 106 34.85 1.64 -20.65
C VAL B 106 36.11 0.80 -20.91
N HIS B 107 36.96 0.65 -19.90
CA HIS B 107 38.24 -0.03 -20.11
C HIS B 107 38.05 -1.53 -20.36
N CYS B 108 37.11 -2.14 -19.62
CA CYS B 108 36.81 -3.56 -19.80
C CYS B 108 36.37 -3.84 -21.21
N GLU B 109 35.50 -2.97 -21.71
CA GLU B 109 35.00 -3.08 -23.06
C GLU B 109 36.18 -2.99 -24.04
N GLN B 110 37.05 -2.02 -23.83
CA GLN B 110 38.20 -1.82 -24.73
C GLN B 110 39.10 -3.06 -24.82
N VAL B 111 39.31 -3.78 -23.72
CA VAL B 111 40.18 -4.96 -23.77
C VAL B 111 39.39 -6.26 -23.85
N HIS B 112 38.07 -6.14 -24.06
CA HIS B 112 37.23 -7.31 -24.32
C HIS B 112 37.06 -8.22 -23.09
N ASP B 113 37.13 -7.66 -21.90
CA ASP B 113 36.85 -8.43 -20.68
C ASP B 113 35.36 -8.25 -20.40
N TYR B 114 34.57 -8.96 -21.18
CA TYR B 114 33.13 -8.76 -21.16
C TYR B 114 32.49 -9.27 -19.86
N VAL B 115 33.13 -10.26 -19.19
CA VAL B 115 32.60 -10.75 -17.92
C VAL B 115 32.82 -9.76 -16.78
N SER B 116 34.00 -9.15 -16.73
CA SER B 116 34.22 -8.10 -15.74
C SER B 116 33.25 -6.94 -16.03
N ARG B 117 33.05 -6.60 -17.30
CA ARG B 117 32.11 -5.53 -17.58
C ARG B 117 30.73 -5.82 -16.99
N ASP B 118 30.26 -7.05 -17.17
CA ASP B 118 28.91 -7.42 -16.74
C ASP B 118 28.83 -7.33 -15.21
N LEU B 119 29.87 -7.76 -14.52
CA LEU B 119 29.91 -7.62 -13.06
C LEU B 119 29.79 -6.18 -12.63
N LEU B 120 30.58 -5.32 -13.26
CA LEU B 120 30.56 -3.89 -12.93
C LEU B 120 29.22 -3.26 -13.27
N LYS B 121 28.62 -3.67 -14.37
CA LYS B 121 27.31 -3.13 -14.71
C LYS B 121 26.26 -3.48 -13.64
N ASP B 122 26.31 -4.71 -13.14
CA ASP B 122 25.39 -5.10 -12.09
C ASP B 122 25.60 -4.26 -10.83
N ILE B 123 26.86 -4.03 -10.46
CA ILE B 123 27.16 -3.19 -9.30
C ILE B 123 26.60 -1.78 -9.55
N LEU B 124 26.80 -1.27 -10.76
CA LEU B 124 26.36 0.08 -11.10
C LEU B 124 24.85 0.21 -10.97
N GLU B 125 24.11 -0.80 -11.41
CA GLU B 125 22.66 -0.76 -11.28
C GLU B 125 22.25 -0.60 -9.82
N SER B 126 22.93 -1.35 -8.96
CA SER B 126 22.64 -1.31 -7.53
CA SER B 126 22.62 -1.31 -7.53
C SER B 126 22.98 0.04 -6.93
N GLU B 127 24.11 0.63 -7.35
CA GLU B 127 24.51 1.90 -6.78
C GLU B 127 23.53 3.01 -7.23
N GLU B 128 23.10 2.97 -8.48
CA GLU B 128 22.08 3.92 -8.97
C GLU B 128 20.77 3.76 -8.21
N GLU B 129 20.41 2.54 -7.85
CA GLU B 129 19.21 2.37 -7.04
C GLU B 129 19.41 3.03 -5.67
N HIS B 130 20.63 2.95 -5.14
CA HIS B 130 20.93 3.64 -3.88
C HIS B 130 20.81 5.17 -4.02
N ILE B 131 21.34 5.70 -5.12
CA ILE B 131 21.22 7.13 -5.39
C ILE B 131 19.74 7.53 -5.46
N ASP B 132 18.93 6.68 -6.07
CA ASP B 132 17.48 6.95 -6.12
C ASP B 132 16.91 7.02 -4.71
N TYR B 133 17.23 6.04 -3.88
CA TYR B 133 16.81 6.08 -2.48
C TYR B 133 17.25 7.38 -1.77
N LEU B 134 18.53 7.74 -1.91
CA LEU B 134 19.08 8.90 -1.22
C LEU B 134 18.41 10.21 -1.66
N GLU B 135 18.24 10.39 -2.96
CA GLU B 135 17.58 11.60 -3.47
C GLU B 135 16.15 11.66 -3.01
N THR B 136 15.53 10.49 -2.92
CA THR B 136 14.14 10.43 -2.45
C THR B 136 14.04 10.90 -0.98
N GLN B 137 14.92 10.39 -0.12
CA GLN B 137 14.88 10.73 1.29
C GLN B 137 15.11 12.25 1.46
N LEU B 138 16.06 12.80 0.72
CA LEU B 138 16.33 14.23 0.83
C LEU B 138 15.13 15.02 0.35
N GLY B 139 14.49 14.56 -0.73
CA GLY B 139 13.26 15.21 -1.18
C GLY B 139 12.14 15.15 -0.14
N LEU B 140 12.02 13.99 0.53
CA LEU B 140 10.97 13.82 1.53
C LEU B 140 11.20 14.74 2.73
N ILE B 141 12.46 14.94 3.11
CA ILE B 141 12.72 15.89 4.19
C ILE B 141 12.11 17.25 3.83
N GLN B 142 12.25 17.67 2.59
CA GLN B 142 11.68 18.94 2.18
C GLN B 142 10.15 18.90 2.12
N LYS B 143 9.57 17.78 1.68
CA LYS B 143 8.11 17.72 1.47
C LYS B 143 7.33 17.57 2.77
N VAL B 144 7.80 16.75 3.68
CA VAL B 144 7.04 16.49 4.89
C VAL B 144 7.62 17.25 6.10
N GLY B 145 8.78 17.87 5.91
CA GLY B 145 9.45 18.54 7.01
C GLY B 145 10.32 17.58 7.79
N LEU B 146 11.39 18.08 8.39
CA LEU B 146 12.40 17.24 9.00
C LEU B 146 11.84 16.48 10.19
N GLU B 147 11.07 17.17 11.03
CA GLU B 147 10.55 16.55 12.24
C GLU B 147 9.62 15.35 11.91
N ASN B 148 8.75 15.52 10.91
CA ASN B 148 7.91 14.41 10.45
C ASN B 148 8.76 13.31 9.82
N TYR B 149 9.73 13.71 9.02
CA TYR B 149 10.57 12.73 8.35
C TYR B 149 11.26 11.83 9.37
N LEU B 150 11.77 12.45 10.43
CA LEU B 150 12.47 11.70 11.47
C LEU B 150 11.47 10.82 12.25
N GLN B 151 10.32 11.38 12.62
CA GLN B 151 9.27 10.62 13.28
C GLN B 151 8.96 9.33 12.52
N SER B 152 8.82 9.46 11.21
CA SER B 152 8.48 8.33 10.36
C SER B 152 9.56 7.27 10.33
N HIS B 153 10.74 7.56 10.91
CA HIS B 153 11.82 6.59 10.88
C HIS B 153 12.23 6.12 12.24
N MET B 154 11.40 6.39 13.23
CA MET B 154 11.66 5.96 14.60
C MET B 154 11.45 4.45 14.70
N HIS B 155 10.32 3.98 14.18
CA HIS B 155 9.93 2.58 14.35
C HIS B 155 10.25 1.77 13.10
N GLU B 156 10.81 0.59 13.33
CA GLU B 156 11.09 -0.31 12.22
C GLU B 156 9.83 -0.80 11.51
N ASP B 157 10.00 -1.16 10.24
CA ASP B 157 8.94 -1.75 9.44
C ASP B 157 8.35 -2.99 10.12
N MET C 1 -24.97 -3.12 -39.18
CA MET C 1 -24.57 -3.32 -37.75
C MET C 1 -25.77 -3.29 -36.82
N LYS C 2 -25.75 -4.12 -35.77
CA LYS C 2 -26.87 -4.25 -34.86
C LYS C 2 -26.97 -3.07 -33.91
N GLY C 3 -25.86 -2.37 -33.65
CA GLY C 3 -25.89 -1.32 -32.64
C GLY C 3 -26.43 0.01 -33.19
N ASP C 4 -27.06 0.79 -32.32
CA ASP C 4 -27.46 2.18 -32.64
C ASP C 4 -26.21 3.05 -32.84
N LYS C 5 -26.19 3.85 -33.91
CA LYS C 5 -24.98 4.60 -34.25
C LYS C 5 -24.59 5.60 -33.18
N LYS C 6 -25.57 6.30 -32.59
CA LYS C 6 -25.23 7.23 -31.50
C LYS C 6 -24.84 6.52 -30.20
N VAL C 7 -25.35 5.31 -29.96
CA VAL C 7 -24.87 4.57 -28.77
C VAL C 7 -23.38 4.31 -28.94
N ILE C 8 -23.00 3.84 -30.11
CA ILE C 8 -21.61 3.51 -30.36
C ILE C 8 -20.71 4.76 -30.25
N GLN C 9 -21.20 5.91 -30.71
CA GLN C 9 -20.44 7.14 -30.55
C GLN C 9 -20.27 7.52 -29.08
N HIS C 10 -21.34 7.36 -28.32
CA HIS C 10 -21.26 7.61 -26.89
C HIS C 10 -20.28 6.68 -26.23
N LEU C 11 -20.33 5.40 -26.56
CA LEU C 11 -19.44 4.44 -25.91
C LEU C 11 -17.99 4.76 -26.27
N ASN C 12 -17.77 5.15 -27.51
CA ASN C 12 -16.43 5.54 -27.94
C ASN C 12 -15.97 6.81 -27.26
N LYS C 13 -16.91 7.69 -26.93
CA LYS C 13 -16.58 8.88 -26.15
C LYS C 13 -16.16 8.52 -24.73
N ILE C 14 -16.92 7.63 -24.08
CA ILE C 14 -16.58 7.17 -22.74
C ILE C 14 -15.21 6.45 -22.79
N LEU C 15 -15.01 5.63 -23.81
CA LEU C 15 -13.77 4.90 -23.96
C LEU C 15 -12.62 5.89 -24.04
N GLY C 16 -12.83 6.95 -24.83
CA GLY C 16 -11.86 8.02 -24.97
C GLY C 16 -11.51 8.64 -23.63
N ASN C 17 -12.51 8.87 -22.78
CA ASN C 17 -12.25 9.40 -21.45
C ASN C 17 -11.45 8.44 -20.57
N GLU C 18 -11.74 7.15 -20.67
CA GLU C 18 -11.04 6.15 -19.86
C GLU C 18 -9.57 6.08 -20.29
N LEU C 19 -9.31 6.27 -21.59
CA LEU C 19 -7.95 6.18 -22.10
C LEU C 19 -7.06 7.30 -21.59
N ILE C 20 -7.62 8.51 -21.47
CA ILE C 20 -6.93 9.63 -20.83
C ILE C 20 -6.62 9.29 -19.36
N ALA C 21 -7.62 8.79 -18.66
CA ALA C 21 -7.52 8.51 -17.24
C ALA C 21 -6.47 7.45 -16.99
N ILE C 22 -6.44 6.42 -17.81
CA ILE C 22 -5.46 5.35 -17.64
C ILE C 22 -4.06 5.97 -17.63
N ASN C 23 -3.75 6.78 -18.64
CA ASN C 23 -2.38 7.33 -18.76
C ASN C 23 -2.09 8.38 -17.72
N GLN C 24 -3.07 9.23 -17.46
CA GLN C 24 -2.94 10.27 -16.46
C GLN C 24 -2.69 9.68 -15.07
N TYR C 25 -3.50 8.70 -14.69
CA TYR C 25 -3.31 8.04 -13.40
C TYR C 25 -2.00 7.23 -13.34
N PHE C 26 -1.63 6.58 -14.43
CA PHE C 26 -0.43 5.78 -14.38
C PHE C 26 0.80 6.67 -14.16
N LEU C 27 0.83 7.80 -14.87
CA LEU C 27 1.94 8.75 -14.71
C LEU C 27 1.96 9.34 -13.31
N HIS C 28 0.81 9.79 -12.81
CA HIS C 28 0.73 10.28 -11.44
C HIS C 28 1.23 9.24 -10.42
N SER C 29 0.84 7.98 -10.62
CA SER C 29 1.30 6.91 -9.75
C SER C 29 2.86 6.85 -9.69
N ARG C 30 3.48 6.83 -10.86
CA ARG C 30 4.94 6.68 -10.94
C ARG C 30 5.71 7.92 -10.46
N MET C 31 5.08 9.10 -10.58
CA MET C 31 5.62 10.34 -10.01
C MET C 31 5.59 10.26 -8.52
N TRP C 32 4.47 9.79 -7.96
CA TRP C 32 4.39 9.64 -6.52
C TRP C 32 5.41 8.60 -6.01
N ASN C 33 5.60 7.50 -6.75
CA ASN C 33 6.58 6.52 -6.33
C ASN C 33 7.99 7.12 -6.38
N ASP C 34 8.27 7.88 -7.44
CA ASP C 34 9.58 8.53 -7.62
C ASP C 34 9.88 9.45 -6.43
N TRP C 35 8.87 10.13 -5.92
CA TRP C 35 8.99 11.03 -4.77
C TRP C 35 8.97 10.30 -3.44
N GLY C 36 8.75 8.99 -3.43
CA GLY C 36 8.70 8.24 -2.17
C GLY C 36 7.37 8.33 -1.42
N LEU C 37 6.32 8.73 -2.12
CA LEU C 37 4.99 8.76 -1.51
C LEU C 37 4.29 7.50 -1.97
N LYS C 38 4.74 6.38 -1.44
CA LYS C 38 4.43 5.07 -2.02
C LYS C 38 2.96 4.69 -1.85
N ARG C 39 2.35 5.16 -0.78
CA ARG C 39 0.94 4.82 -0.53
C ARG C 39 0.07 5.50 -1.60
N LEU C 40 0.38 6.75 -1.91
CA LEU C 40 -0.32 7.45 -3.01
C LEU C 40 -0.02 6.78 -4.32
N GLY C 41 1.23 6.42 -4.52
CA GLY C 41 1.60 5.71 -5.73
C GLY C 41 0.81 4.42 -5.93
N ALA C 42 0.65 3.64 -4.87
CA ALA C 42 -0.02 2.36 -4.98
C ALA C 42 -1.51 2.61 -5.23
N HIS C 43 -2.10 3.55 -4.50
CA HIS C 43 -3.52 3.80 -4.70
C HIS C 43 -3.81 4.26 -6.13
N GLU C 44 -2.99 5.17 -6.65
CA GLU C 44 -3.17 5.73 -7.98
C GLU C 44 -2.93 4.67 -9.06
N TYR C 45 -2.00 3.78 -8.81
CA TYR C 45 -1.77 2.65 -9.72
C TYR C 45 -3.06 1.81 -9.83
N HIS C 46 -3.68 1.49 -8.70
CA HIS C 46 -4.97 0.76 -8.75
C HIS C 46 -6.10 1.53 -9.45
N GLU C 47 -6.13 2.84 -9.31
CA GLU C 47 -7.11 3.63 -10.06
C GLU C 47 -6.87 3.48 -11.57
N SER C 48 -5.61 3.46 -11.98
CA SER C 48 -5.27 3.29 -13.38
C SER C 48 -5.72 1.92 -13.90
N ILE C 49 -5.46 0.88 -13.11
CA ILE C 49 -5.83 -0.48 -13.48
C ILE C 49 -7.36 -0.60 -13.60
N ASP C 50 -8.09 0.03 -12.67
CA ASP C 50 -9.55 0.01 -12.75
C ASP C 50 -10.06 0.68 -14.04
N GLU C 51 -9.41 1.75 -14.50
CA GLU C 51 -9.83 2.39 -15.75
C GLU C 51 -9.54 1.50 -16.95
N MET C 52 -8.42 0.79 -16.90
CA MET C 52 -8.12 -0.21 -17.92
C MET C 52 -9.23 -1.26 -18.01
N LYS C 53 -9.71 -1.74 -16.87
CA LYS C 53 -10.75 -2.75 -16.89
C LYS C 53 -12.05 -2.16 -17.45
N HIS C 54 -12.38 -0.90 -17.13
CA HIS C 54 -13.55 -0.28 -17.75
C HIS C 54 -13.38 -0.19 -19.27
N ALA C 55 -12.17 0.19 -19.71
CA ALA C 55 -11.92 0.35 -21.13
C ALA C 55 -12.16 -0.97 -21.84
N ASP C 56 -11.64 -2.04 -21.26
CA ASP C 56 -11.81 -3.37 -21.81
C ASP C 56 -13.30 -3.71 -22.02
N LYS C 57 -14.13 -3.44 -21.01
CA LYS C 57 -15.57 -3.72 -21.13
C LYS C 57 -16.22 -2.87 -22.22
N LEU C 58 -15.79 -1.63 -22.37
CA LEU C 58 -16.36 -0.76 -23.42
C LEU C 58 -15.98 -1.26 -24.80
N ILE C 59 -14.72 -1.66 -24.95
CA ILE C 59 -14.19 -2.18 -26.21
C ILE C 59 -14.98 -3.41 -26.62
N GLU C 60 -15.20 -4.31 -25.66
CA GLU C 60 -15.95 -5.53 -25.91
C GLU C 60 -17.38 -5.22 -26.32
N ARG C 61 -17.99 -4.25 -25.64
CA ARG C 61 -19.39 -3.90 -25.94
C ARG C 61 -19.49 -3.26 -27.33
N ILE C 62 -18.59 -2.34 -27.64
CA ILE C 62 -18.56 -1.73 -28.96
C ILE C 62 -18.41 -2.77 -30.07
N LEU C 63 -17.52 -3.74 -29.90
CA LEU C 63 -17.37 -4.81 -30.90
C LEU C 63 -18.63 -5.70 -31.02
N PHE C 64 -19.29 -5.98 -29.90
CA PHE C 64 -20.50 -6.79 -29.97
C PHE C 64 -21.57 -6.05 -30.79
N LEU C 65 -21.65 -4.75 -30.57
CA LEU C 65 -22.62 -3.90 -31.28
C LEU C 65 -22.18 -3.59 -32.72
N GLU C 66 -21.04 -4.15 -33.12
CA GLU C 66 -20.50 -4.06 -34.47
C GLU C 66 -19.98 -2.67 -34.83
N GLY C 67 -19.49 -1.95 -33.82
CA GLY C 67 -18.83 -0.67 -34.05
C GLY C 67 -17.33 -0.89 -34.04
N LEU C 68 -16.58 0.19 -34.24
CA LEU C 68 -15.11 0.11 -34.25
C LEU C 68 -14.56 0.88 -33.06
N PRO C 69 -13.93 0.17 -32.12
CA PRO C 69 -13.50 0.91 -30.94
C PRO C 69 -12.37 1.87 -31.31
N ASN C 70 -12.43 3.10 -30.81
CA ASN C 70 -11.42 4.07 -31.10
C ASN C 70 -10.35 4.14 -30.00
N LEU C 71 -9.22 3.49 -30.23
CA LEU C 71 -8.08 3.59 -29.33
C LEU C 71 -7.01 4.53 -29.87
N GLN C 72 -7.32 5.25 -30.95
CA GLN C 72 -6.32 6.10 -31.65
C GLN C 72 -6.33 7.53 -31.13
N ASP C 73 -7.51 8.03 -30.83
CA ASP C 73 -7.69 9.40 -30.39
C ASP C 73 -7.47 9.53 -28.87
N LEU C 74 -6.37 10.15 -28.48
CA LEU C 74 -6.09 10.34 -27.06
C LEU C 74 -6.18 11.81 -26.73
N GLY C 75 -7.12 12.19 -25.86
CA GLY C 75 -7.28 13.59 -25.48
C GLY C 75 -6.25 14.07 -24.47
N LYS C 76 -6.49 15.24 -23.89
CA LYS C 76 -5.48 15.95 -23.09
C LYS C 76 -5.32 15.37 -21.68
N LEU C 77 -4.10 14.92 -21.36
CA LEU C 77 -3.81 14.47 -20.01
C LEU C 77 -3.66 15.68 -19.13
N LEU C 78 -4.26 15.65 -17.95
CA LEU C 78 -4.09 16.71 -16.98
C LEU C 78 -3.07 16.25 -15.95
N ILE C 79 -1.82 16.66 -16.14
CA ILE C 79 -0.74 16.27 -15.26
C ILE C 79 -0.40 17.38 -14.29
N GLY C 80 -0.42 17.12 -12.98
CA GLY C 80 -0.04 18.11 -11.99
C GLY C 80 1.44 18.04 -11.65
N GLU C 81 1.91 19.01 -10.89
CA GLU C 81 3.34 19.12 -10.56
C GLU C 81 3.62 18.89 -9.10
N ASN C 82 2.56 18.82 -8.30
CA ASN C 82 2.70 18.46 -6.91
C ASN C 82 1.43 17.71 -6.50
N THR C 83 1.43 17.20 -5.27
CA THR C 83 0.38 16.27 -4.82
C THR C 83 -0.99 16.94 -4.91
N GLN C 84 -1.11 18.15 -4.38
CA GLN C 84 -2.39 18.87 -4.37
C GLN C 84 -2.91 19.10 -5.81
N GLU C 85 -2.04 19.47 -6.73
CA GLU C 85 -2.45 19.69 -8.11
C GLU C 85 -2.84 18.39 -8.79
N MET C 86 -2.14 17.31 -8.47
CA MET C 86 -2.40 16.04 -9.15
C MET C 86 -3.77 15.53 -8.74
N LEU C 87 -4.10 15.60 -7.46
CA LEU C 87 -5.40 15.16 -6.98
C LEU C 87 -6.51 16.03 -7.63
N GLN C 88 -6.29 17.33 -7.67
CA GLN C 88 -7.28 18.23 -8.30
C GLN C 88 -7.40 17.96 -9.81
N CYS C 89 -6.29 17.66 -10.46
CA CYS C 89 -6.32 17.25 -11.86
C CYS C 89 -7.14 15.96 -12.07
N ASP C 90 -6.95 14.96 -11.21
CA ASP C 90 -7.73 13.73 -11.32
C ASP C 90 -9.25 14.05 -11.15
N LEU C 91 -9.57 14.89 -10.16
CA LEU C 91 -10.95 15.30 -9.88
C LEU C 91 -11.58 16.06 -11.06
N ASN C 92 -10.80 16.97 -11.66
CA ASN C 92 -11.26 17.69 -12.83
C ASN C 92 -11.62 16.73 -13.93
N LEU C 93 -10.75 15.76 -14.17
CA LEU C 93 -11.02 14.72 -15.15
C LEU C 93 -12.29 13.91 -14.84
N GLU C 94 -12.47 13.52 -13.58
CA GLU C 94 -13.62 12.68 -13.18
C GLU C 94 -14.95 13.43 -13.33
N LEU C 95 -14.95 14.72 -13.08
CA LEU C 95 -16.16 15.52 -13.24
C LEU C 95 -16.61 15.56 -14.70
N LYS C 96 -15.67 15.72 -15.60
CA LYS C 96 -15.99 15.62 -17.02
C LYS C 96 -16.45 14.19 -17.40
N ALA C 97 -15.79 13.18 -16.84
CA ALA C 97 -16.15 11.80 -17.18
C ALA C 97 -17.61 11.47 -16.77
N THR C 98 -18.01 11.91 -15.59
CA THR C 98 -19.33 11.56 -15.10
C THR C 98 -20.43 12.30 -15.86
N LYS C 99 -20.14 13.53 -16.27
CA LYS C 99 -21.06 14.25 -17.15
C LYS C 99 -21.30 13.49 -18.46
N ASP C 100 -20.24 13.02 -19.10
CA ASP C 100 -20.44 12.25 -20.33
C ASP C 100 -21.17 10.91 -20.11
N LEU C 101 -20.89 10.24 -19.00
CA LEU C 101 -21.58 8.99 -18.67
C LEU C 101 -23.11 9.21 -18.52
N ARG C 102 -23.51 10.29 -17.87
CA ARG C 102 -24.92 10.55 -17.71
C ARG C 102 -25.58 10.81 -19.05
N GLU C 103 -24.93 11.58 -19.91
CA GLU C 103 -25.49 11.85 -21.25
C GLU C 103 -25.59 10.58 -22.08
N ALA C 104 -24.58 9.73 -21.98
CA ALA C 104 -24.63 8.43 -22.65
C ALA C 104 -25.78 7.54 -22.14
N ILE C 105 -25.99 7.54 -20.82
CA ILE C 105 -27.08 6.75 -20.25
C ILE C 105 -28.46 7.26 -20.73
N VAL C 106 -28.67 8.57 -20.71
CA VAL C 106 -29.89 9.16 -21.26
C VAL C 106 -30.18 8.62 -22.66
N HIS C 107 -29.19 8.64 -23.55
CA HIS C 107 -29.39 8.13 -24.91
C HIS C 107 -29.66 6.61 -25.00
N CYS C 108 -28.92 5.79 -24.25
CA CYS C 108 -29.19 4.34 -24.26
C CYS C 108 -30.63 4.08 -23.84
N GLU C 109 -31.10 4.79 -22.82
CA GLU C 109 -32.48 4.61 -22.35
C GLU C 109 -33.44 4.92 -23.50
N GLN C 110 -33.20 6.00 -24.22
CA GLN C 110 -34.13 6.44 -25.27
C GLN C 110 -34.22 5.44 -26.39
N VAL C 111 -33.12 4.77 -26.71
CA VAL C 111 -33.18 3.79 -27.79
C VAL C 111 -33.30 2.35 -27.28
N HIS C 112 -33.60 2.19 -25.99
CA HIS C 112 -33.88 0.87 -25.39
C HIS C 112 -32.66 -0.06 -25.37
N ASP C 113 -31.46 0.49 -25.36
CA ASP C 113 -30.26 -0.35 -25.23
C ASP C 113 -29.97 -0.49 -23.75
N TYR C 114 -30.78 -1.30 -23.09
CA TYR C 114 -30.73 -1.38 -21.65
C TYR C 114 -29.46 -2.05 -21.13
N VAL C 115 -28.85 -2.93 -21.92
CA VAL C 115 -27.64 -3.58 -21.48
C VAL C 115 -26.48 -2.59 -21.52
N SER C 116 -26.40 -1.75 -22.55
CA SER C 116 -25.36 -0.72 -22.56
C SER C 116 -25.57 0.24 -21.41
N ARG C 117 -26.81 0.63 -21.14
CA ARG C 117 -27.09 1.51 -20.01
C ARG C 117 -26.53 0.94 -18.68
N ASP C 118 -26.73 -0.35 -18.47
CA ASP C 118 -26.34 -1.00 -17.21
C ASP C 118 -24.80 -1.01 -17.09
N LEU C 119 -24.13 -1.29 -18.19
CA LEU C 119 -22.66 -1.24 -18.19
C LEU C 119 -22.21 0.17 -17.80
N LEU C 120 -22.84 1.20 -18.39
CA LEU C 120 -22.41 2.58 -18.12
C LEU C 120 -22.72 2.99 -16.71
N LYS C 121 -23.85 2.55 -16.20
CA LYS C 121 -24.21 2.83 -14.81
C LYS C 121 -23.16 2.22 -13.85
N ASP C 122 -22.67 1.03 -14.19
CA ASP C 122 -21.65 0.39 -13.35
C ASP C 122 -20.32 1.19 -13.33
N ILE C 123 -19.91 1.65 -14.51
CA ILE C 123 -18.75 2.54 -14.60
C ILE C 123 -18.99 3.83 -13.80
N LEU C 124 -20.18 4.38 -13.94
CA LEU C 124 -20.51 5.62 -13.27
C LEU C 124 -20.39 5.47 -11.75
N GLU C 125 -20.86 4.34 -11.23
CA GLU C 125 -20.78 4.11 -9.80
C GLU C 125 -19.32 4.10 -9.35
N SER C 126 -18.47 3.48 -10.15
CA SER C 126 -17.04 3.42 -9.87
CA SER C 126 -17.04 3.43 -9.84
C SER C 126 -16.44 4.82 -9.92
N GLU C 127 -16.80 5.59 -10.93
CA GLU C 127 -16.21 6.93 -11.05
C GLU C 127 -16.67 7.81 -9.89
N GLU C 128 -17.92 7.67 -9.44
CA GLU C 128 -18.39 8.44 -8.29
C GLU C 128 -17.64 8.03 -7.01
N GLU C 129 -17.29 6.75 -6.88
CA GLU C 129 -16.44 6.33 -5.75
C GLU C 129 -15.05 6.99 -5.80
N HIS C 130 -14.55 7.20 -7.00
CA HIS C 130 -13.25 7.85 -7.17
C HIS C 130 -13.37 9.32 -6.80
N ILE C 131 -14.44 9.97 -7.24
CA ILE C 131 -14.68 11.34 -6.81
C ILE C 131 -14.70 11.47 -5.29
N ASP C 132 -15.35 10.53 -4.61
CA ASP C 132 -15.43 10.53 -3.14
C ASP C 132 -14.02 10.46 -2.55
N TYR C 133 -13.22 9.56 -3.10
CA TYR C 133 -11.83 9.41 -2.65
C TYR C 133 -11.06 10.74 -2.81
N LEU C 134 -11.17 11.33 -3.99
CA LEU C 134 -10.43 12.55 -4.28
C LEU C 134 -10.87 13.70 -3.38
N GLU C 135 -12.19 13.87 -3.21
CA GLU C 135 -12.70 14.95 -2.35
C GLU C 135 -12.27 14.73 -0.92
N THR C 136 -12.26 13.48 -0.50
CA THR C 136 -11.81 13.14 0.85
C THR C 136 -10.31 13.52 1.05
N GLN C 137 -9.46 13.22 0.07
CA GLN C 137 -8.02 13.49 0.21
C GLN C 137 -7.78 15.00 0.28
N LEU C 138 -8.48 15.74 -0.56
CA LEU C 138 -8.34 17.18 -0.60
C LEU C 138 -8.82 17.74 0.71
N GLY C 139 -9.84 17.10 1.29
CA GLY C 139 -10.32 17.56 2.58
C GLY C 139 -9.34 17.20 3.70
N LEU C 140 -8.67 16.07 3.57
CA LEU C 140 -7.70 15.67 4.61
C LEU C 140 -6.50 16.61 4.62
N ILE C 141 -6.08 17.04 3.44
CA ILE C 141 -4.98 18.01 3.37
C ILE C 141 -5.30 19.25 4.23
N GLN C 142 -6.52 19.75 4.12
CA GLN C 142 -6.96 20.90 4.91
C GLN C 142 -7.01 20.57 6.41
N LYS C 143 -7.51 19.38 6.76
CA LYS C 143 -7.71 19.00 8.15
C LYS C 143 -6.43 18.67 8.92
N VAL C 144 -5.49 17.96 8.31
CA VAL C 144 -4.32 17.46 9.05
C VAL C 144 -3.08 18.27 8.66
N GLY C 145 -3.21 19.12 7.64
CA GLY C 145 -2.11 19.91 7.10
C GLY C 145 -1.35 19.14 6.03
N LEU C 146 -0.77 19.84 5.07
CA LEU C 146 -0.10 19.19 3.96
C LEU C 146 1.09 18.28 4.39
N GLU C 147 1.89 18.73 5.34
CA GLU C 147 3.06 17.97 5.73
C GLU C 147 2.66 16.62 6.37
N ASN C 148 1.65 16.63 7.23
CA ASN C 148 1.19 15.39 7.83
C ASN C 148 0.55 14.53 6.76
N TYR C 149 -0.21 15.13 5.86
CA TYR C 149 -0.90 14.35 4.84
C TYR C 149 0.11 13.58 4.01
N LEU C 150 1.17 14.25 3.58
CA LEU C 150 2.18 13.59 2.76
C LEU C 150 2.91 12.53 3.58
N GLN C 151 3.22 12.84 4.83
CA GLN C 151 3.88 11.88 5.71
C GLN C 151 3.10 10.58 5.78
N SER C 152 1.78 10.70 5.95
CA SER C 152 0.87 9.55 6.02
C SER C 152 0.84 8.75 4.75
N HIS C 153 1.36 9.30 3.65
CA HIS C 153 1.40 8.57 2.39
C HIS C 153 2.77 8.14 1.92
N MET C 154 3.76 8.22 2.80
CA MET C 154 5.12 7.74 2.49
C MET C 154 5.19 6.22 2.41
N HIS C 155 4.67 5.54 3.42
CA HIS C 155 4.79 4.09 3.52
C HIS C 155 3.52 3.38 3.06
N GLU C 156 3.67 2.31 2.30
CA GLU C 156 2.52 1.49 1.89
C GLU C 156 1.86 0.73 3.06
N ASP C 157 0.58 0.41 2.87
CA ASP C 157 -0.18 -0.59 3.66
C ASP C 157 -1.38 0.02 4.38
N MET D 1 20.38 17.77 -12.93
CA MET D 1 19.61 16.77 -13.75
C MET D 1 20.53 15.67 -14.27
N LYS D 2 20.44 14.49 -13.68
CA LYS D 2 21.46 13.46 -13.89
C LYS D 2 21.42 12.84 -15.29
N GLY D 3 20.27 12.89 -15.94
CA GLY D 3 20.09 12.18 -17.20
C GLY D 3 20.58 12.94 -18.42
N ASP D 4 21.18 12.21 -19.37
CA ASP D 4 21.56 12.78 -20.69
C ASP D 4 20.30 13.09 -21.51
N LYS D 5 20.23 14.28 -22.13
CA LYS D 5 18.99 14.75 -22.74
C LYS D 5 18.58 13.89 -23.94
N LYS D 6 19.57 13.51 -24.74
CA LYS D 6 19.30 12.60 -25.83
C LYS D 6 18.92 11.18 -25.35
N VAL D 7 19.42 10.75 -24.20
CA VAL D 7 18.99 9.45 -23.69
C VAL D 7 17.51 9.53 -23.35
N ILE D 8 17.12 10.59 -22.66
CA ILE D 8 15.73 10.77 -22.30
C ILE D 8 14.81 10.87 -23.55
N GLN D 9 15.28 11.52 -24.60
CA GLN D 9 14.54 11.55 -25.85
C GLN D 9 14.40 10.15 -26.45
N HIS D 10 15.49 9.38 -26.41
CA HIS D 10 15.40 8.02 -26.93
C HIS D 10 14.43 7.18 -26.09
N LEU D 11 14.48 7.33 -24.76
CA LEU D 11 13.63 6.52 -23.90
C LEU D 11 12.17 6.91 -24.14
N ASN D 12 11.92 8.21 -24.35
CA ASN D 12 10.56 8.66 -24.69
C ASN D 12 10.10 8.14 -26.04
N LYS D 13 11.02 7.98 -26.98
CA LYS D 13 10.64 7.44 -28.26
C LYS D 13 10.26 5.96 -28.14
N ILE D 14 11.07 5.18 -27.44
CA ILE D 14 10.76 3.75 -27.22
C ILE D 14 9.40 3.63 -26.48
N LEU D 15 9.19 4.51 -25.49
CA LEU D 15 7.94 4.51 -24.73
C LEU D 15 6.76 4.78 -25.68
N GLY D 16 6.95 5.77 -26.54
CA GLY D 16 5.97 6.04 -27.59
C GLY D 16 5.64 4.80 -28.41
N ASN D 17 6.67 4.05 -28.80
CA ASN D 17 6.44 2.81 -29.54
C ASN D 17 5.66 1.78 -28.70
N GLU D 18 6.00 1.66 -27.43
CA GLU D 18 5.31 0.68 -26.58
C GLU D 18 3.83 1.08 -26.42
N LEU D 19 3.54 2.38 -26.32
CA LEU D 19 2.17 2.86 -26.15
C LEU D 19 1.31 2.56 -27.38
N ILE D 20 1.91 2.67 -28.55
CA ILE D 20 1.23 2.24 -29.77
C ILE D 20 0.94 0.76 -29.71
N ALA D 21 1.94 -0.03 -29.35
CA ALA D 21 1.80 -1.48 -29.37
C ALA D 21 0.74 -1.94 -28.37
N ILE D 22 0.71 -1.31 -27.20
CA ILE D 22 -0.25 -1.69 -26.18
C ILE D 22 -1.64 -1.62 -26.78
N ASN D 23 -1.96 -0.50 -27.42
CA ASN D 23 -3.31 -0.24 -27.93
C ASN D 23 -3.65 -1.09 -29.12
N GLN D 24 -2.69 -1.24 -30.04
CA GLN D 24 -2.87 -2.07 -31.21
C GLN D 24 -3.09 -3.54 -30.85
N TYR D 25 -2.26 -4.07 -29.96
CA TYR D 25 -2.39 -5.47 -29.60
C TYR D 25 -3.66 -5.69 -28.79
N PHE D 26 -4.04 -4.74 -27.97
CA PHE D 26 -5.24 -4.92 -27.16
C PHE D 26 -6.48 -4.95 -28.04
N LEU D 27 -6.50 -4.08 -29.05
CA LEU D 27 -7.63 -4.06 -29.97
C LEU D 27 -7.66 -5.32 -30.80
N HIS D 28 -6.51 -5.75 -31.31
CA HIS D 28 -6.46 -7.00 -32.06
C HIS D 28 -6.92 -8.19 -31.24
N SER D 29 -6.51 -8.24 -29.98
CA SER D 29 -6.95 -9.29 -29.07
C SER D 29 -8.49 -9.35 -28.98
N ARG D 30 -9.11 -8.21 -28.73
CA ARG D 30 -10.54 -8.16 -28.55
C ARG D 30 -11.28 -8.43 -29.87
N MET D 31 -10.68 -8.11 -31.01
CA MET D 31 -11.27 -8.45 -32.30
C MET D 31 -11.22 -9.95 -32.52
N TRP D 32 -10.11 -10.59 -32.19
CA TRP D 32 -10.01 -12.04 -32.32
C TRP D 32 -11.02 -12.74 -31.39
N ASN D 33 -11.18 -12.24 -30.17
CA ASN D 33 -12.18 -12.79 -29.27
C ASN D 33 -13.61 -12.61 -29.82
N ASP D 34 -13.92 -11.42 -30.34
CA ASP D 34 -15.21 -11.17 -30.98
C ASP D 34 -15.49 -12.21 -32.06
N TRP D 35 -14.46 -12.59 -32.83
CA TRP D 35 -14.63 -13.53 -33.94
C TRP D 35 -14.60 -14.97 -33.48
N GLY D 36 -14.34 -15.20 -32.21
CA GLY D 36 -14.31 -16.56 -31.68
C GLY D 36 -12.98 -17.28 -31.90
N LEU D 37 -11.93 -16.53 -32.23
CA LEU D 37 -10.59 -17.08 -32.30
C LEU D 37 -9.89 -16.86 -30.96
N LYS D 38 -10.32 -17.61 -29.95
CA LYS D 38 -9.98 -17.24 -28.58
C LYS D 38 -8.53 -17.48 -28.21
N ARG D 39 -7.89 -18.41 -28.88
CA ARG D 39 -6.47 -18.69 -28.62
C ARG D 39 -5.59 -17.55 -29.12
N LEU D 40 -5.91 -17.00 -30.30
CA LEU D 40 -5.24 -15.79 -30.78
C LEU D 40 -5.58 -14.62 -29.89
N GLY D 41 -6.85 -14.53 -29.45
CA GLY D 41 -7.24 -13.44 -28.59
C GLY D 41 -6.43 -13.43 -27.29
N ALA D 42 -6.28 -14.60 -26.69
CA ALA D 42 -5.56 -14.72 -25.41
C ALA D 42 -4.06 -14.44 -25.63
N HIS D 43 -3.48 -14.99 -26.70
CA HIS D 43 -2.08 -14.73 -26.96
C HIS D 43 -1.80 -13.23 -27.13
N GLU D 44 -2.65 -12.57 -27.90
CA GLU D 44 -2.45 -11.17 -28.22
C GLU D 44 -2.65 -10.30 -26.99
N TYR D 45 -3.58 -10.71 -26.14
CA TYR D 45 -3.80 -10.00 -24.87
C TYR D 45 -2.51 -10.02 -24.02
N HIS D 46 -1.83 -11.16 -23.97
CA HIS D 46 -0.58 -11.24 -23.23
C HIS D 46 0.53 -10.42 -23.86
N GLU D 47 0.54 -10.30 -25.18
CA GLU D 47 1.51 -9.41 -25.83
C GLU D 47 1.24 -7.99 -25.41
N SER D 48 -0.02 -7.61 -25.34
CA SER D 48 -0.36 -6.26 -24.93
C SER D 48 0.10 -5.98 -23.49
N ILE D 49 -0.26 -6.87 -22.58
CA ILE D 49 0.22 -6.81 -21.20
C ILE D 49 1.75 -6.70 -21.11
N ASP D 50 2.46 -7.49 -21.89
CA ASP D 50 3.93 -7.41 -21.86
C ASP D 50 4.44 -6.02 -22.25
N GLU D 51 3.80 -5.38 -23.24
CA GLU D 51 4.19 -4.04 -23.64
C GLU D 51 3.88 -3.06 -22.53
N MET D 52 2.79 -3.28 -21.82
CA MET D 52 2.48 -2.41 -20.71
C MET D 52 3.58 -2.46 -19.67
N LYS D 53 4.09 -3.65 -19.39
CA LYS D 53 5.16 -3.77 -18.40
C LYS D 53 6.46 -3.07 -18.85
N HIS D 54 6.80 -3.19 -20.14
CA HIS D 54 7.95 -2.47 -20.68
C HIS D 54 7.72 -0.95 -20.53
N ALA D 55 6.51 -0.48 -20.84
CA ALA D 55 6.19 0.95 -20.71
C ALA D 55 6.43 1.42 -19.29
N ASP D 56 5.95 0.64 -18.33
CA ASP D 56 6.16 0.95 -16.91
C ASP D 56 7.66 1.14 -16.59
N LYS D 57 8.50 0.21 -17.02
CA LYS D 57 9.94 0.32 -16.74
C LYS D 57 10.55 1.57 -17.40
N LEU D 58 10.10 1.91 -18.61
CA LEU D 58 10.60 3.10 -19.27
C LEU D 58 10.22 4.35 -18.51
N ILE D 59 8.96 4.40 -18.03
CA ILE D 59 8.48 5.56 -17.30
C ILE D 59 9.29 5.71 -16.03
N GLU D 60 9.50 4.62 -15.30
CA GLU D 60 10.29 4.66 -14.09
C GLU D 60 11.73 5.14 -14.35
N ARG D 61 12.33 4.67 -15.43
CA ARG D 61 13.71 5.06 -15.75
C ARG D 61 13.80 6.53 -16.13
N ILE D 62 12.84 7.00 -16.93
CA ILE D 62 12.81 8.41 -17.31
C ILE D 62 12.70 9.30 -16.08
N LEU D 63 11.83 8.93 -15.15
CA LEU D 63 11.67 9.72 -13.93
C LEU D 63 12.93 9.70 -13.10
N PHE D 64 13.59 8.56 -13.00
CA PHE D 64 14.83 8.49 -12.22
C PHE D 64 15.89 9.44 -12.83
N LEU D 65 15.95 9.48 -14.15
CA LEU D 65 16.89 10.35 -14.87
C LEU D 65 16.44 11.81 -14.88
N GLU D 66 15.34 12.11 -14.21
CA GLU D 66 14.76 13.46 -14.08
C GLU D 66 14.28 14.03 -15.41
N GLY D 67 13.82 13.15 -16.27
CA GLY D 67 13.11 13.54 -17.48
C GLY D 67 11.60 13.52 -17.27
N LEU D 68 10.87 13.92 -18.30
CA LEU D 68 9.41 13.97 -18.25
C LEU D 68 8.86 12.89 -19.18
N PRO D 69 8.26 11.83 -18.61
CA PRO D 69 7.69 10.82 -19.52
C PRO D 69 6.53 11.40 -20.30
N ASN D 70 6.52 11.10 -21.58
CA ASN D 70 5.48 11.56 -22.50
C ASN D 70 4.48 10.43 -22.80
N LEU D 71 3.33 10.45 -22.12
CA LEU D 71 2.25 9.50 -22.42
C LEU D 71 1.15 10.18 -23.27
N GLN D 72 1.40 11.40 -23.73
CA GLN D 72 0.39 12.22 -24.41
C GLN D 72 0.31 11.94 -25.90
N ASP D 73 1.46 11.76 -26.51
CA ASP D 73 1.54 11.65 -27.94
C ASP D 73 1.44 10.16 -28.28
N LEU D 74 0.37 9.82 -28.99
CA LEU D 74 0.12 8.45 -29.39
C LEU D 74 0.22 8.44 -30.88
N GLY D 75 1.12 7.62 -31.40
CA GLY D 75 1.31 7.50 -32.82
C GLY D 75 0.26 6.62 -33.45
N LYS D 76 0.48 6.32 -34.70
CA LYS D 76 -0.51 5.67 -35.54
C LYS D 76 -0.61 4.17 -35.26
N LEU D 77 -1.80 3.69 -34.89
CA LEU D 77 -2.02 2.24 -34.77
C LEU D 77 -2.14 1.60 -36.13
N LEU D 78 -1.60 0.40 -36.30
CA LEU D 78 -1.80 -0.36 -37.53
C LEU D 78 -2.82 -1.49 -37.25
N ILE D 79 -4.08 -1.23 -37.55
CA ILE D 79 -5.12 -2.22 -37.28
C ILE D 79 -5.49 -2.98 -38.56
N GLY D 80 -5.29 -4.30 -38.57
CA GLY D 80 -5.72 -5.13 -39.68
C GLY D 80 -7.20 -5.46 -39.68
N GLU D 81 -7.67 -6.04 -40.79
CA GLU D 81 -9.09 -6.33 -40.96
C GLU D 81 -9.36 -7.81 -40.94
N ASN D 82 -8.30 -8.62 -40.97
CA ASN D 82 -8.42 -10.07 -40.92
C ASN D 82 -7.15 -10.59 -40.29
N THR D 83 -7.14 -11.87 -39.97
CA THR D 83 -6.08 -12.45 -39.14
C THR D 83 -4.71 -12.28 -39.79
N GLN D 84 -4.61 -12.60 -41.06
CA GLN D 84 -3.34 -12.49 -41.75
C GLN D 84 -2.81 -11.06 -41.73
N GLU D 85 -3.69 -10.11 -41.94
CA GLU D 85 -3.29 -8.72 -41.97
C GLU D 85 -2.96 -8.18 -40.58
N MET D 86 -3.66 -8.66 -39.56
CA MET D 86 -3.39 -8.22 -38.19
C MET D 86 -2.00 -8.69 -37.75
N LEU D 87 -1.68 -9.93 -38.09
CA LEU D 87 -0.35 -10.47 -37.78
C LEU D 87 0.76 -9.67 -38.51
N GLN D 88 0.54 -9.35 -39.78
CA GLN D 88 1.54 -8.60 -40.54
C GLN D 88 1.64 -7.18 -39.98
N CYS D 89 0.53 -6.62 -39.55
CA CYS D 89 0.54 -5.30 -38.91
C CYS D 89 1.36 -5.28 -37.61
N ASP D 90 1.20 -6.32 -36.80
CA ASP D 90 2.00 -6.45 -35.57
C ASP D 90 3.48 -6.59 -35.96
N LEU D 91 3.75 -7.35 -37.01
CA LEU D 91 5.15 -7.55 -37.43
C LEU D 91 5.77 -6.24 -37.94
N ASN D 92 5.01 -5.47 -38.72
CA ASN D 92 5.54 -4.20 -39.22
C ASN D 92 5.89 -3.27 -38.07
N LEU D 93 5.02 -3.23 -37.07
CA LEU D 93 5.24 -2.43 -35.90
C LEU D 93 6.52 -2.85 -35.17
N GLU D 94 6.71 -4.17 -35.02
CA GLU D 94 7.85 -4.69 -34.28
C GLU D 94 9.18 -4.40 -35.00
N LEU D 95 9.17 -4.47 -36.33
CA LEU D 95 10.38 -4.17 -37.11
C LEU D 95 10.79 -2.74 -36.88
N LYS D 96 9.82 -1.84 -36.80
CA LYS D 96 10.14 -0.46 -36.48
C LYS D 96 10.64 -0.33 -35.05
N ALA D 97 9.99 -1.03 -34.12
CA ALA D 97 10.35 -0.95 -32.71
C ALA D 97 11.81 -1.34 -32.46
N THR D 98 12.24 -2.43 -33.09
CA THR D 98 13.55 -2.96 -32.82
C THR D 98 14.61 -2.06 -33.47
N LYS D 99 14.31 -1.52 -34.65
CA LYS D 99 15.23 -0.55 -35.25
C LYS D 99 15.49 0.61 -34.29
N ASP D 100 14.43 1.16 -33.68
CA ASP D 100 14.58 2.26 -32.74
C ASP D 100 15.32 1.85 -31.45
N LEU D 101 15.12 0.62 -31.01
CA LEU D 101 15.80 0.13 -29.81
C LEU D 101 17.31 0.08 -30.04
N ARG D 102 17.72 -0.42 -31.19
CA ARG D 102 19.14 -0.51 -31.48
C ARG D 102 19.80 0.86 -31.48
N GLU D 103 19.13 1.83 -32.10
CA GLU D 103 19.65 3.20 -32.13
C GLU D 103 19.74 3.83 -30.73
N ALA D 104 18.77 3.50 -29.87
CA ALA D 104 18.78 4.01 -28.52
C ALA D 104 19.96 3.40 -27.76
N ILE D 105 20.21 2.12 -27.97
CA ILE D 105 21.26 1.41 -27.26
C ILE D 105 22.64 2.01 -27.68
N VAL D 106 22.86 2.16 -28.98
CA VAL D 106 24.07 2.84 -29.48
C VAL D 106 24.32 4.13 -28.73
N HIS D 107 23.30 4.97 -28.63
CA HIS D 107 23.48 6.22 -27.91
C HIS D 107 23.78 6.07 -26.42
N CYS D 108 23.06 5.19 -25.73
CA CYS D 108 23.35 4.96 -24.31
C CYS D 108 24.80 4.52 -24.11
N GLU D 109 25.31 3.69 -25.01
CA GLU D 109 26.68 3.19 -24.90
C GLU D 109 27.65 4.35 -25.03
N GLN D 110 27.37 5.25 -25.96
CA GLN D 110 28.24 6.39 -26.26
C GLN D 110 28.38 7.31 -25.07
N VAL D 111 27.29 7.53 -24.35
CA VAL D 111 27.33 8.40 -23.18
C VAL D 111 27.46 7.64 -21.85
N HIS D 112 27.77 6.35 -21.93
CA HIS D 112 28.11 5.54 -20.74
C HIS D 112 26.92 5.36 -19.79
N ASP D 113 25.70 5.40 -20.31
CA ASP D 113 24.51 5.09 -19.50
C ASP D 113 24.25 3.59 -19.64
N TYR D 114 25.04 2.81 -18.92
CA TYR D 114 25.04 1.38 -19.14
C TYR D 114 23.79 0.71 -18.60
N VAL D 115 23.21 1.30 -17.57
CA VAL D 115 22.00 0.74 -17.00
C VAL D 115 20.82 0.97 -17.95
N SER D 116 20.74 2.14 -18.58
CA SER D 116 19.68 2.37 -19.56
C SER D 116 19.84 1.41 -20.72
N ARG D 117 21.10 1.16 -21.10
CA ARG D 117 21.39 0.23 -22.17
C ARG D 117 20.85 -1.17 -21.88
N ASP D 118 21.06 -1.63 -20.66
CA ASP D 118 20.67 -3.00 -20.27
C ASP D 118 19.14 -3.11 -20.24
N LEU D 119 18.47 -2.07 -19.72
CA LEU D 119 17.00 -2.03 -19.78
C LEU D 119 16.53 -2.18 -21.22
N LEU D 120 17.13 -1.41 -22.14
CA LEU D 120 16.72 -1.47 -23.54
C LEU D 120 17.05 -2.80 -24.18
N LYS D 121 18.21 -3.35 -23.85
CA LYS D 121 18.57 -4.68 -24.32
C LYS D 121 17.52 -5.76 -23.93
N ASP D 122 17.04 -5.70 -22.68
CA ASP D 122 16.03 -6.66 -22.21
C ASP D 122 14.74 -6.47 -23.00
N ILE D 123 14.34 -5.22 -23.22
CA ILE D 123 13.15 -4.95 -24.06
C ILE D 123 13.37 -5.51 -25.46
N LEU D 124 14.53 -5.27 -26.04
CA LEU D 124 14.83 -5.74 -27.39
C LEU D 124 14.76 -7.26 -27.46
N GLU D 125 15.25 -7.95 -26.42
CA GLU D 125 15.16 -9.40 -26.46
C GLU D 125 13.69 -9.85 -26.51
N SER D 126 12.84 -9.20 -25.72
CA SER D 126 11.43 -9.54 -25.74
C SER D 126 10.78 -9.25 -27.10
N GLU D 127 11.15 -8.12 -27.71
CA GLU D 127 10.53 -7.74 -29.00
C GLU D 127 11.01 -8.72 -30.08
N GLU D 128 12.26 -9.16 -30.02
CA GLU D 128 12.74 -10.19 -30.95
C GLU D 128 11.98 -11.52 -30.81
N GLU D 129 11.69 -11.95 -29.58
CA GLU D 129 10.84 -13.13 -29.39
C GLU D 129 9.44 -12.93 -29.99
N HIS D 130 8.89 -11.72 -29.89
CA HIS D 130 7.61 -11.44 -30.52
C HIS D 130 7.74 -11.55 -32.05
N ILE D 131 8.82 -11.04 -32.63
CA ILE D 131 9.04 -11.22 -34.06
C ILE D 131 9.09 -12.70 -34.41
N ASP D 132 9.76 -13.49 -33.57
CA ASP D 132 9.85 -14.93 -33.80
C ASP D 132 8.43 -15.51 -33.86
N TYR D 133 7.61 -15.12 -32.89
CA TYR D 133 6.26 -15.63 -32.80
C TYR D 133 5.48 -15.25 -34.09
N LEU D 134 5.59 -13.99 -34.49
CA LEU D 134 4.84 -13.49 -35.64
C LEU D 134 5.24 -14.20 -36.92
N GLU D 135 6.53 -14.32 -37.17
CA GLU D 135 6.97 -15.04 -38.37
C GLU D 135 6.56 -16.48 -38.35
N THR D 136 6.61 -17.10 -37.19
CA THR D 136 6.17 -18.48 -37.07
C THR D 136 4.68 -18.61 -37.49
N GLN D 137 3.81 -17.75 -36.99
CA GLN D 137 2.37 -17.82 -37.32
C GLN D 137 2.14 -17.62 -38.81
N LEU D 138 2.83 -16.64 -39.38
CA LEU D 138 2.69 -16.37 -40.81
C LEU D 138 3.16 -17.55 -41.62
N GLY D 139 4.18 -18.25 -41.12
CA GLY D 139 4.66 -19.45 -41.79
C GLY D 139 3.72 -20.63 -41.63
N LEU D 140 3.06 -20.73 -40.48
CA LEU D 140 2.11 -21.81 -40.27
C LEU D 140 0.91 -21.63 -41.20
N ILE D 141 0.48 -20.38 -41.41
CA ILE D 141 -0.64 -20.16 -42.31
C ILE D 141 -0.29 -20.79 -43.66
N GLN D 142 0.96 -20.64 -44.09
CA GLN D 142 1.41 -21.23 -45.34
C GLN D 142 1.49 -22.73 -45.29
N LYS D 143 1.96 -23.28 -44.17
CA LYS D 143 2.18 -24.73 -44.10
C LYS D 143 0.88 -25.54 -43.90
N VAL D 144 -0.03 -25.03 -43.07
CA VAL D 144 -1.23 -25.82 -42.76
C VAL D 144 -2.49 -25.30 -43.47
N GLY D 145 -2.39 -24.15 -44.14
CA GLY D 145 -3.52 -23.52 -44.81
C GLY D 145 -4.29 -22.59 -43.86
N LEU D 146 -4.87 -21.53 -44.38
CA LEU D 146 -5.54 -20.55 -43.54
C LEU D 146 -6.70 -21.17 -42.73
N GLU D 147 -7.52 -22.02 -43.34
CA GLU D 147 -8.67 -22.57 -42.62
C GLU D 147 -8.24 -23.44 -41.42
N ASN D 148 -7.25 -24.31 -41.60
CA ASN D 148 -6.72 -25.08 -40.48
C ASN D 148 -6.10 -24.17 -39.42
N TYR D 149 -5.34 -23.17 -39.84
CA TYR D 149 -4.67 -22.31 -38.90
C TYR D 149 -5.68 -21.61 -37.99
N LEU D 150 -6.72 -21.04 -38.57
CA LEU D 150 -7.77 -20.43 -37.79
C LEU D 150 -8.49 -21.45 -36.89
N GLN D 151 -8.79 -22.62 -37.43
CA GLN D 151 -9.42 -23.66 -36.65
C GLN D 151 -8.61 -23.95 -35.37
N SER D 152 -7.29 -24.06 -35.54
CA SER D 152 -6.39 -24.34 -34.42
C SER D 152 -6.35 -23.21 -33.38
N HIS D 153 -6.90 -22.04 -33.72
CA HIS D 153 -6.95 -20.95 -32.76
C HIS D 153 -8.35 -20.60 -32.26
N MET D 154 -9.34 -21.46 -32.51
CA MET D 154 -10.68 -21.22 -31.97
C MET D 154 -10.69 -21.37 -30.45
N HIS D 155 -10.12 -22.47 -29.98
CA HIS D 155 -10.22 -22.84 -28.56
C HIS D 155 -8.93 -22.56 -27.81
N GLU D 156 -9.03 -22.07 -26.58
CA GLU D 156 -7.85 -22.00 -25.72
C GLU D 156 -7.50 -23.42 -25.23
N MET E 1 -49.24 -8.06 37.29
CA MET E 1 -48.02 -7.45 36.65
C MET E 1 -46.89 -7.41 37.68
N LYS E 2 -45.77 -8.03 37.35
CA LYS E 2 -44.74 -8.30 38.36
C LYS E 2 -43.79 -7.13 38.58
N GLY E 3 -43.73 -6.20 37.64
CA GLY E 3 -42.76 -5.11 37.69
C GLY E 3 -43.24 -3.90 38.47
N ASP E 4 -42.35 -3.27 39.23
CA ASP E 4 -42.69 -2.03 39.93
C ASP E 4 -42.89 -0.95 38.86
N LYS E 5 -43.92 -0.12 38.97
CA LYS E 5 -44.24 0.80 37.88
C LYS E 5 -43.14 1.86 37.68
N LYS E 6 -42.53 2.34 38.76
CA LYS E 6 -41.45 3.32 38.63
C LYS E 6 -40.18 2.67 38.07
N VAL E 7 -39.95 1.40 38.40
CA VAL E 7 -38.79 0.72 37.81
C VAL E 7 -38.92 0.73 36.29
N ILE E 8 -40.10 0.39 35.81
CA ILE E 8 -40.31 0.36 34.38
C ILE E 8 -40.14 1.74 33.76
N GLN E 9 -40.58 2.79 34.47
CA GLN E 9 -40.38 4.16 33.98
C GLN E 9 -38.91 4.49 33.90
N HIS E 10 -38.17 4.16 34.95
CA HIS E 10 -36.71 4.33 34.92
C HIS E 10 -36.05 3.52 33.80
N LEU E 11 -36.43 2.26 33.62
CA LEU E 11 -35.82 1.45 32.54
C LEU E 11 -36.13 2.06 31.16
N ASN E 12 -37.37 2.52 30.97
CA ASN E 12 -37.73 3.21 29.74
C ASN E 12 -36.98 4.51 29.57
N LYS E 13 -36.67 5.19 30.67
CA LYS E 13 -35.87 6.41 30.51
C LYS E 13 -34.45 6.04 30.05
N ILE E 14 -33.86 5.02 30.65
CA ILE E 14 -32.51 4.61 30.24
C ILE E 14 -32.53 4.17 28.77
N LEU E 15 -33.57 3.43 28.39
CA LEU E 15 -33.73 2.98 27.01
C LEU E 15 -33.78 4.19 26.09
N GLY E 16 -34.53 5.22 26.48
CA GLY E 16 -34.62 6.43 25.67
C GLY E 16 -33.24 7.05 25.43
N ASN E 17 -32.43 7.10 26.48
CA ASN E 17 -31.07 7.61 26.39
C ASN E 17 -30.22 6.77 25.45
N GLU E 18 -30.37 5.45 25.51
CA GLU E 18 -29.62 4.58 24.59
C GLU E 18 -30.04 4.80 23.14
N LEU E 19 -31.33 5.04 22.91
CA LEU E 19 -31.78 5.26 21.54
C LEU E 19 -31.18 6.55 20.97
N ILE E 20 -31.08 7.58 21.79
CA ILE E 20 -30.43 8.80 21.33
C ILE E 20 -28.97 8.49 20.98
N ALA E 21 -28.28 7.79 21.89
CA ALA E 21 -26.87 7.49 21.70
C ALA E 21 -26.61 6.67 20.44
N ILE E 22 -27.46 5.67 20.19
CA ILE E 22 -27.30 4.83 18.99
C ILE E 22 -27.23 5.70 17.74
N ASN E 23 -28.20 6.60 17.61
CA ASN E 23 -28.30 7.41 16.40
C ASN E 23 -27.21 8.48 16.37
N GLN E 24 -26.95 9.11 17.50
CA GLN E 24 -25.91 10.13 17.51
C GLN E 24 -24.56 9.52 17.12
N TYR E 25 -24.19 8.41 17.76
CA TYR E 25 -22.92 7.76 17.46
C TYR E 25 -22.92 7.20 16.03
N PHE E 26 -24.03 6.66 15.56
CA PHE E 26 -24.02 6.15 14.18
C PHE E 26 -23.75 7.28 13.16
N LEU E 27 -24.40 8.42 13.35
CA LEU E 27 -24.21 9.52 12.43
C LEU E 27 -22.77 10.08 12.55
N HIS E 28 -22.25 10.23 13.76
CA HIS E 28 -20.86 10.70 13.93
C HIS E 28 -19.90 9.75 13.24
N SER E 29 -20.15 8.45 13.40
CA SER E 29 -19.32 7.45 12.73
C SER E 29 -19.27 7.69 11.24
N ARG E 30 -20.44 7.81 10.64
CA ARG E 30 -20.53 7.95 9.21
C ARG E 30 -19.97 9.30 8.71
N MET E 31 -20.07 10.33 9.54
CA MET E 31 -19.45 11.63 9.21
C MET E 31 -17.92 11.49 9.21
N TRP E 32 -17.37 10.84 10.22
CA TRP E 32 -15.92 10.57 10.23
C TRP E 32 -15.44 9.74 9.04
N ASN E 33 -16.17 8.69 8.67
CA ASN E 33 -15.81 7.94 7.48
C ASN E 33 -15.84 8.79 6.21
N ASP E 34 -16.83 9.65 6.09
CA ASP E 34 -16.99 10.52 4.92
C ASP E 34 -15.77 11.46 4.83
N TRP E 35 -15.31 11.93 5.97
CA TRP E 35 -14.13 12.81 6.04
C TRP E 35 -12.81 12.06 5.91
N GLY E 36 -12.84 10.73 5.95
CA GLY E 36 -11.62 9.96 5.78
C GLY E 36 -10.87 9.74 7.10
N LEU E 37 -11.55 10.00 8.20
CA LEU E 37 -10.99 9.71 9.49
C LEU E 37 -11.48 8.32 9.91
N LYS E 38 -10.96 7.29 9.25
CA LYS E 38 -11.56 5.95 9.32
C LYS E 38 -11.37 5.29 10.67
N ARG E 39 -10.33 5.66 11.40
CA ARG E 39 -10.15 5.03 12.70
C ARG E 39 -11.19 5.54 13.70
N LEU E 40 -11.52 6.83 13.64
CA LEU E 40 -12.56 7.39 14.49
C LEU E 40 -13.93 6.84 14.08
N GLY E 41 -14.14 6.74 12.77
CA GLY E 41 -15.36 6.17 12.22
C GLY E 41 -15.59 4.75 12.72
N ALA E 42 -14.55 3.93 12.70
CA ALA E 42 -14.67 2.53 13.16
C ALA E 42 -14.95 2.49 14.65
N HIS E 43 -14.23 3.29 15.43
CA HIS E 43 -14.44 3.25 16.87
C HIS E 43 -15.87 3.69 17.27
N GLU E 44 -16.35 4.75 16.62
CA GLU E 44 -17.67 5.32 16.90
C GLU E 44 -18.75 4.36 16.43
N TYR E 45 -18.50 3.63 15.35
CA TYR E 45 -19.43 2.58 14.91
C TYR E 45 -19.61 1.53 16.02
N HIS E 46 -18.51 1.09 16.61
CA HIS E 46 -18.58 0.08 17.67
C HIS E 46 -19.26 0.61 18.93
N GLU E 47 -19.09 1.90 19.22
CA GLU E 47 -19.82 2.53 20.31
C GLU E 47 -21.34 2.50 19.99
N SER E 48 -21.72 2.70 18.74
CA SER E 48 -23.14 2.68 18.39
C SER E 48 -23.69 1.27 18.61
N ILE E 49 -22.97 0.28 18.13
CA ILE E 49 -23.34 -1.13 18.30
C ILE E 49 -23.45 -1.51 19.77
N ASP E 50 -22.55 -1.01 20.60
CA ASP E 50 -22.63 -1.32 22.02
C ASP E 50 -23.91 -0.80 22.66
N GLU E 51 -24.32 0.40 22.26
CA GLU E 51 -25.56 0.97 22.80
C GLU E 51 -26.77 0.17 22.28
N MET E 52 -26.69 -0.30 21.03
CA MET E 52 -27.75 -1.18 20.51
C MET E 52 -27.89 -2.41 21.37
N LYS E 53 -26.78 -2.99 21.80
CA LYS E 53 -26.86 -4.17 22.65
C LYS E 53 -27.42 -3.84 24.03
N HIS E 54 -27.08 -2.67 24.61
CA HIS E 54 -27.68 -2.27 25.88
C HIS E 54 -29.20 -2.08 25.71
N ALA E 55 -29.59 -1.41 24.63
CA ALA E 55 -31.02 -1.20 24.35
C ALA E 55 -31.76 -2.53 24.33
N ASP E 56 -31.16 -3.52 23.66
CA ASP E 56 -31.74 -4.84 23.56
C ASP E 56 -32.01 -5.44 24.94
N LYS E 57 -31.01 -5.43 25.82
CA LYS E 57 -31.19 -5.92 27.18
C LYS E 57 -32.27 -5.16 27.95
N LEU E 58 -32.35 -3.85 27.78
CA LEU E 58 -33.38 -3.09 28.52
C LEU E 58 -34.77 -3.48 28.03
N ILE E 59 -34.92 -3.60 26.70
CA ILE E 59 -36.20 -3.98 26.09
C ILE E 59 -36.65 -5.33 26.63
N GLU E 60 -35.70 -6.27 26.69
CA GLU E 60 -36.03 -7.60 27.14
C GLU E 60 -36.46 -7.61 28.58
N ARG E 61 -35.78 -6.84 29.43
CA ARG E 61 -36.12 -6.75 30.86
C ARG E 61 -37.48 -6.09 31.07
N ILE E 62 -37.73 -5.00 30.34
CA ILE E 62 -39.01 -4.29 30.46
C ILE E 62 -40.15 -5.25 30.13
N LEU E 63 -39.97 -6.07 29.09
CA LEU E 63 -41.00 -7.04 28.72
C LEU E 63 -41.18 -8.12 29.77
N PHE E 64 -40.07 -8.61 30.32
CA PHE E 64 -40.17 -9.57 31.40
C PHE E 64 -41.01 -9.00 32.57
N LEU E 65 -40.77 -7.73 32.91
CA LEU E 65 -41.44 -7.07 34.02
C LEU E 65 -42.88 -6.63 33.67
N GLU E 66 -43.31 -6.95 32.45
CA GLU E 66 -44.69 -6.71 31.97
C GLU E 66 -44.97 -5.25 31.69
N GLY E 67 -43.93 -4.53 31.33
CA GLY E 67 -44.09 -3.17 30.85
C GLY E 67 -44.01 -3.14 29.35
N LEU E 68 -44.18 -1.95 28.79
CA LEU E 68 -44.09 -1.76 27.37
C LEU E 68 -42.87 -0.91 27.00
N PRO E 69 -41.90 -1.51 26.30
CA PRO E 69 -40.72 -0.74 25.92
C PRO E 69 -41.07 0.43 25.01
N ASN E 70 -40.54 1.60 25.34
CA ASN E 70 -40.79 2.79 24.53
C ASN E 70 -39.73 3.04 23.46
N LEU E 71 -39.98 2.58 22.24
CA LEU E 71 -39.07 2.85 21.14
C LEU E 71 -39.60 3.98 20.25
N GLN E 72 -40.62 4.69 20.74
CA GLN E 72 -41.24 5.80 19.98
C GLN E 72 -40.67 7.21 20.30
N ASP E 73 -40.42 7.47 21.58
CA ASP E 73 -39.97 8.78 22.04
C ASP E 73 -38.45 8.95 21.86
N LEU E 74 -38.03 9.63 20.78
CA LEU E 74 -36.61 9.83 20.54
C LEU E 74 -36.24 11.26 20.93
N GLY E 75 -35.36 11.39 21.92
CA GLY E 75 -34.88 12.69 22.35
C GLY E 75 -33.90 13.36 21.40
N LYS E 76 -33.29 14.43 21.88
CA LYS E 76 -32.47 15.31 21.08
C LYS E 76 -31.09 14.73 20.83
N LEU E 77 -30.74 14.51 19.57
CA LEU E 77 -29.37 14.14 19.19
C LEU E 77 -28.46 15.36 19.32
N LEU E 78 -27.26 15.16 19.86
CA LEU E 78 -26.27 16.23 19.93
C LEU E 78 -25.25 15.97 18.83
N ILE E 79 -25.40 16.65 17.70
CA ILE E 79 -24.57 16.39 16.54
C ILE E 79 -23.53 17.52 16.43
N GLY E 80 -22.24 17.20 16.49
CA GLY E 80 -21.16 18.16 16.23
C GLY E 80 -20.87 18.42 14.77
N GLU E 81 -20.10 19.47 14.48
CA GLU E 81 -19.77 19.82 13.10
C GLU E 81 -18.28 19.62 12.79
N ASN E 82 -17.50 19.31 13.81
CA ASN E 82 -16.10 18.92 13.62
C ASN E 82 -15.72 17.94 14.71
N THR E 83 -14.54 17.37 14.59
CA THR E 83 -14.16 16.24 15.44
C THR E 83 -14.21 16.62 16.88
N GLN E 84 -13.64 17.78 17.21
CA GLN E 84 -13.61 18.20 18.62
C GLN E 84 -15.01 18.38 19.22
N GLU E 85 -15.92 18.96 18.45
CA GLU E 85 -17.31 19.12 18.88
C GLU E 85 -18.05 17.79 18.99
N MET E 86 -17.77 16.87 18.08
CA MET E 86 -18.47 15.59 18.06
C MET E 86 -18.09 14.81 19.30
N LEU E 87 -16.79 14.80 19.64
CA LEU E 87 -16.34 14.18 20.88
C LEU E 87 -16.99 14.80 22.13
N GLN E 88 -17.00 16.13 22.21
CA GLN E 88 -17.66 16.82 23.35
C GLN E 88 -19.19 16.55 23.40
N CYS E 89 -19.85 16.52 22.25
CA CYS E 89 -21.28 16.15 22.19
C CYS E 89 -21.51 14.74 22.76
N ASP E 90 -20.67 13.78 22.35
CA ASP E 90 -20.75 12.43 22.94
C ASP E 90 -20.54 12.48 24.45
N LEU E 91 -19.56 13.25 24.91
CA LEU E 91 -19.27 13.30 26.34
C LEU E 91 -20.45 13.94 27.09
N ASN E 92 -21.02 15.01 26.53
CA ASN E 92 -22.18 15.64 27.14
C ASN E 92 -23.33 14.65 27.27
N LEU E 93 -23.54 13.83 26.24
CA LEU E 93 -24.62 12.85 26.29
C LEU E 93 -24.36 11.83 27.40
N GLU E 94 -23.13 11.38 27.49
CA GLU E 94 -22.77 10.36 28.47
C GLU E 94 -22.92 10.87 29.90
N LEU E 95 -22.63 12.14 30.14
CA LEU E 95 -22.77 12.66 31.50
C LEU E 95 -24.23 12.70 31.97
N LYS E 96 -25.13 13.07 31.06
CA LYS E 96 -26.54 12.96 31.33
C LYS E 96 -26.96 11.50 31.52
N ALA E 97 -26.42 10.59 30.72
CA ALA E 97 -26.83 9.19 30.78
C ALA E 97 -26.46 8.59 32.14
N THR E 98 -25.27 8.90 32.63
CA THR E 98 -24.80 8.28 33.86
C THR E 98 -25.58 8.79 35.06
N LYS E 99 -25.98 10.04 35.00
CA LYS E 99 -26.82 10.57 36.06
C LYS E 99 -28.16 9.80 36.10
N ASP E 100 -28.78 9.58 34.96
CA ASP E 100 -30.03 8.82 34.98
C ASP E 100 -29.84 7.37 35.44
N LEU E 101 -28.71 6.77 35.08
CA LEU E 101 -28.45 5.41 35.51
C LEU E 101 -28.35 5.30 37.03
N ARG E 102 -27.64 6.25 37.64
CA ARG E 102 -27.49 6.25 39.08
C ARG E 102 -28.84 6.36 39.79
N GLU E 103 -29.67 7.27 39.32
CA GLU E 103 -30.99 7.47 39.91
C GLU E 103 -31.85 6.22 39.75
N ALA E 104 -31.73 5.55 38.60
CA ALA E 104 -32.49 4.32 38.37
C ALA E 104 -32.03 3.22 39.32
N ILE E 105 -30.73 3.15 39.56
CA ILE E 105 -30.20 2.14 40.46
C ILE E 105 -30.68 2.38 41.89
N VAL E 106 -30.69 3.64 42.32
CA VAL E 106 -31.20 3.99 43.64
C VAL E 106 -32.62 3.45 43.80
N HIS E 107 -33.45 3.64 42.78
CA HIS E 107 -34.84 3.19 42.88
C HIS E 107 -34.96 1.67 42.90
N CYS E 108 -34.24 0.99 42.02
CA CYS E 108 -34.23 -0.48 42.03
C CYS E 108 -33.86 -1.01 43.39
N GLU E 109 -32.81 -0.46 44.00
CA GLU E 109 -32.39 -0.92 45.32
C GLU E 109 -33.54 -0.76 46.33
N GLN E 110 -34.20 0.39 46.27
CA GLN E 110 -35.30 0.71 47.19
C GLN E 110 -36.44 -0.31 47.16
N VAL E 111 -36.81 -0.77 45.96
CA VAL E 111 -37.92 -1.71 45.81
C VAL E 111 -37.46 -3.17 45.66
N HIS E 112 -36.18 -3.41 45.90
CA HIS E 112 -35.61 -4.75 45.91
C HIS E 112 -35.61 -5.46 44.56
N ASP E 113 -35.54 -4.69 43.47
CA ASP E 113 -35.36 -5.29 42.14
C ASP E 113 -33.86 -5.36 41.88
N TYR E 114 -33.24 -6.36 42.52
CA TYR E 114 -31.78 -6.48 42.49
C TYR E 114 -31.24 -6.91 41.14
N VAL E 115 -32.05 -7.63 40.36
CA VAL E 115 -31.62 -8.05 39.01
C VAL E 115 -31.64 -6.87 38.04
N SER E 116 -32.67 -6.01 38.11
CA SER E 116 -32.64 -4.80 37.30
C SER E 116 -31.47 -3.90 37.70
N ARG E 117 -31.22 -3.78 39.01
CA ARG E 117 -30.08 -3.00 39.47
C ARG E 117 -28.78 -3.50 38.84
N ASP E 118 -28.60 -4.81 38.83
CA ASP E 118 -27.36 -5.42 38.30
C ASP E 118 -27.20 -5.15 36.80
N LEU E 119 -28.31 -5.22 36.06
CA LEU E 119 -28.29 -4.85 34.65
C LEU E 119 -27.86 -3.40 34.44
N LEU E 120 -28.46 -2.51 35.21
CA LEU E 120 -28.12 -1.10 35.10
C LEU E 120 -26.66 -0.83 35.50
N LYS E 121 -26.15 -1.57 36.49
CA LYS E 121 -24.76 -1.37 36.93
C LYS E 121 -23.79 -1.76 35.83
N ASP E 122 -24.11 -2.85 35.11
CA ASP E 122 -23.31 -3.30 33.98
C ASP E 122 -23.26 -2.25 32.89
N ILE E 123 -24.40 -1.64 32.59
CA ILE E 123 -24.47 -0.56 31.60
C ILE E 123 -23.68 0.67 32.10
N LEU E 124 -23.82 0.99 33.38
CA LEU E 124 -23.10 2.12 33.94
C LEU E 124 -21.58 1.93 33.78
N GLU E 125 -21.10 0.71 34.04
CA GLU E 125 -19.67 0.44 33.85
C GLU E 125 -19.22 0.69 32.41
N SER E 126 -20.03 0.25 31.44
CA SER E 126 -19.71 0.51 30.04
C SER E 126 -19.72 2.00 29.73
N GLU E 127 -20.67 2.76 30.29
CA GLU E 127 -20.76 4.17 29.92
C GLU E 127 -19.57 4.94 30.53
N GLU E 128 -19.18 4.52 31.74
CA GLU E 128 -18.02 5.15 32.39
C GLU E 128 -16.73 4.91 31.58
N GLU E 129 -16.62 3.71 31.01
CA GLU E 129 -15.51 3.41 30.12
C GLU E 129 -15.53 4.31 28.91
N HIS E 130 -16.71 4.56 28.36
CA HIS E 130 -16.86 5.49 27.24
C HIS E 130 -16.43 6.93 27.64
N ILE E 131 -16.80 7.35 28.85
CA ILE E 131 -16.38 8.66 29.34
C ILE E 131 -14.84 8.69 29.40
N ASP E 132 -14.24 7.60 29.87
CA ASP E 132 -12.77 7.55 29.95
C ASP E 132 -12.20 7.72 28.54
N TYR E 133 -12.75 7.01 27.57
CA TYR E 133 -12.26 7.12 26.20
C TYR E 133 -12.39 8.56 25.67
N LEU E 134 -13.53 9.20 25.94
CA LEU E 134 -13.78 10.52 25.37
C LEU E 134 -12.86 11.57 25.99
N GLU E 135 -12.73 11.52 27.31
CA GLU E 135 -11.84 12.45 27.99
C GLU E 135 -10.41 12.28 27.52
N THR E 136 -10.00 11.03 27.36
CA THR E 136 -8.68 10.73 26.83
C THR E 136 -8.50 11.34 25.45
N GLN E 137 -9.49 11.22 24.58
CA GLN E 137 -9.33 11.75 23.21
C GLN E 137 -9.18 13.28 23.23
N LEU E 138 -9.99 13.93 24.05
CA LEU E 138 -9.94 15.39 24.13
C LEU E 138 -8.60 15.82 24.73
N GLY E 139 -8.11 15.03 25.69
CA GLY E 139 -6.79 15.26 26.27
C GLY E 139 -5.67 15.10 25.27
N LEU E 140 -5.79 14.10 24.39
CA LEU E 140 -4.76 13.85 23.38
C LEU E 140 -4.71 14.98 22.36
N ILE E 141 -5.87 15.55 22.05
CA ILE E 141 -5.91 16.66 21.10
C ILE E 141 -5.05 17.80 21.65
N GLN E 142 -5.13 18.07 22.95
CA GLN E 142 -4.27 19.09 23.56
C GLN E 142 -2.77 18.70 23.54
N LYS E 143 -2.46 17.46 23.92
CA LYS E 143 -1.07 16.96 24.01
C LYS E 143 -0.34 16.83 22.65
N VAL E 144 -1.02 16.32 21.61
CA VAL E 144 -0.31 16.12 20.35
C VAL E 144 -0.65 17.16 19.30
N GLY E 145 -1.64 18.02 19.58
CA GLY E 145 -2.08 18.99 18.59
C GLY E 145 -3.19 18.38 17.72
N LEU E 146 -4.14 19.20 17.31
CA LEU E 146 -5.29 18.72 16.55
C LEU E 146 -4.88 18.07 15.24
N GLU E 147 -3.91 18.64 14.54
CA GLU E 147 -3.52 18.13 13.23
C GLU E 147 -2.91 16.71 13.29
N ASN E 148 -2.02 16.48 14.26
CA ASN E 148 -1.48 15.16 14.53
C ASN E 148 -2.58 14.19 15.02
N TYR E 149 -3.45 14.66 15.91
CA TYR E 149 -4.50 13.82 16.44
C TYR E 149 -5.35 13.27 15.30
N LEU E 150 -5.77 14.15 14.41
CA LEU E 150 -6.56 13.74 13.26
C LEU E 150 -5.77 12.82 12.32
N GLN E 151 -4.52 13.17 12.07
CA GLN E 151 -3.66 12.33 11.25
C GLN E 151 -3.65 10.89 11.78
N SER E 152 -3.50 10.75 13.08
CA SER E 152 -3.45 9.46 13.73
C SER E 152 -4.78 8.67 13.62
N HIS E 153 -5.85 9.32 13.19
CA HIS E 153 -7.14 8.64 13.01
C HIS E 153 -7.58 8.53 11.55
N MET E 154 -6.66 8.78 10.62
CA MET E 154 -6.97 8.62 9.21
C MET E 154 -7.12 7.14 8.84
N HIS E 155 -6.14 6.34 9.22
CA HIS E 155 -6.10 4.93 8.83
C HIS E 155 -6.59 4.04 9.96
N GLU E 156 -7.31 2.97 9.62
CA GLU E 156 -7.57 1.92 10.60
C GLU E 156 -6.30 1.11 10.90
N MET F 1 -22.27 21.92 -3.34
CA MET F 1 -23.06 20.69 -3.01
C MET F 1 -23.38 19.92 -4.28
N LYS F 2 -22.83 18.70 -4.41
CA LYS F 2 -22.97 17.96 -5.66
C LYS F 2 -24.36 17.35 -5.82
N GLY F 3 -25.09 17.15 -4.72
CA GLY F 3 -26.37 16.45 -4.79
C GLY F 3 -27.56 17.33 -5.13
N ASP F 4 -28.53 16.78 -5.88
CA ASP F 4 -29.82 17.46 -6.13
C ASP F 4 -30.59 17.58 -4.80
N LYS F 5 -31.14 18.75 -4.51
CA LYS F 5 -31.78 18.98 -3.21
C LYS F 5 -32.98 18.08 -2.98
N LYS F 6 -33.77 17.85 -4.03
CA LYS F 6 -34.95 17.00 -3.91
C LYS F 6 -34.54 15.52 -3.82
N VAL F 7 -33.45 15.11 -4.48
CA VAL F 7 -32.93 13.76 -4.28
C VAL F 7 -32.63 13.55 -2.80
N ILE F 8 -31.96 14.52 -2.18
CA ILE F 8 -31.61 14.39 -0.78
C ILE F 8 -32.85 14.35 0.11
N GLN F 9 -33.87 15.14 -0.25
CA GLN F 9 -35.12 15.08 0.50
C GLN F 9 -35.75 13.67 0.42
N HIS F 10 -35.77 13.11 -0.79
CA HIS F 10 -36.28 11.76 -1.00
C HIS F 10 -35.48 10.71 -0.20
N LEU F 11 -34.15 10.79 -0.25
CA LEU F 11 -33.34 9.85 0.51
C LEU F 11 -33.61 9.96 1.99
N ASN F 12 -33.74 11.19 2.50
CA ASN F 12 -34.05 11.36 3.89
C ASN F 12 -35.45 10.84 4.22
N LYS F 13 -36.36 10.90 3.26
CA LYS F 13 -37.70 10.35 3.52
C LYS F 13 -37.64 8.83 3.61
N ILE F 14 -36.95 8.20 2.67
CA ILE F 14 -36.74 6.76 2.69
C ILE F 14 -35.99 6.37 3.98
N LEU F 15 -34.96 7.13 4.35
CA LEU F 15 -34.23 6.88 5.59
C LEU F 15 -35.20 6.94 6.78
N GLY F 16 -36.07 7.94 6.79
CA GLY F 16 -37.07 8.04 7.84
C GLY F 16 -37.97 6.80 7.93
N ASN F 17 -38.37 6.27 6.78
CA ASN F 17 -39.18 5.05 6.78
C ASN F 17 -38.40 3.82 7.34
N GLU F 18 -37.13 3.68 6.95
CA GLU F 18 -36.29 2.62 7.48
C GLU F 18 -36.13 2.75 8.99
N LEU F 19 -35.99 3.98 9.49
CA LEU F 19 -35.79 4.14 10.94
C LEU F 19 -37.04 3.70 11.70
N ILE F 20 -38.22 3.98 11.17
CA ILE F 20 -39.45 3.51 11.79
C ILE F 20 -39.48 1.97 11.81
N ALA F 21 -39.19 1.37 10.65
CA ALA F 21 -39.18 -0.07 10.49
C ALA F 21 -38.19 -0.77 11.44
N ILE F 22 -37.00 -0.20 11.60
CA ILE F 22 -36.02 -0.78 12.52
C ILE F 22 -36.64 -0.98 13.89
N ASN F 23 -37.25 0.08 14.43
CA ASN F 23 -37.77 0.06 15.78
C ASN F 23 -39.03 -0.79 15.88
N GLN F 24 -39.91 -0.68 14.89
CA GLN F 24 -41.13 -1.48 14.89
C GLN F 24 -40.78 -2.98 14.85
N TYR F 25 -39.86 -3.36 13.98
CA TYR F 25 -39.54 -4.79 13.83
C TYR F 25 -38.79 -5.25 15.06
N PHE F 26 -37.93 -4.40 15.63
CA PHE F 26 -37.15 -4.84 16.78
C PHE F 26 -38.10 -5.11 17.96
N LEU F 27 -39.08 -4.24 18.14
CA LEU F 27 -40.01 -4.40 19.24
C LEU F 27 -40.93 -5.63 19.04
N HIS F 28 -41.46 -5.79 17.83
CA HIS F 28 -42.23 -6.99 17.52
C HIS F 28 -41.40 -8.26 17.78
N SER F 29 -40.15 -8.24 17.37
CA SER F 29 -39.28 -9.40 17.58
C SER F 29 -39.22 -9.79 19.05
N ARG F 30 -38.96 -8.81 19.91
CA ARG F 30 -38.78 -9.07 21.33
C ARG F 30 -40.09 -9.38 22.01
N MET F 31 -41.21 -8.84 21.49
CA MET F 31 -42.52 -9.26 21.97
C MET F 31 -42.78 -10.74 21.64
N TRP F 32 -42.47 -11.14 20.42
CA TRP F 32 -42.64 -12.55 20.04
C TRP F 32 -41.74 -13.46 20.92
N ASN F 33 -40.51 -13.03 21.19
CA ASN F 33 -39.66 -13.81 22.08
C ASN F 33 -40.22 -13.94 23.49
N ASP F 34 -40.72 -12.82 24.02
CA ASP F 34 -41.37 -12.79 25.32
C ASP F 34 -42.50 -13.82 25.37
N TRP F 35 -43.26 -13.95 24.29
CA TRP F 35 -44.40 -14.85 24.28
C TRP F 35 -44.01 -16.29 23.98
N GLY F 36 -42.74 -16.54 23.72
CA GLY F 36 -42.28 -17.90 23.41
C GLY F 36 -42.46 -18.30 21.96
N LEU F 37 -42.74 -17.32 21.10
CA LEU F 37 -42.82 -17.58 19.66
C LEU F 37 -41.48 -17.28 19.02
N LYS F 38 -40.50 -18.14 19.30
CA LYS F 38 -39.10 -17.80 19.03
C LYS F 38 -38.75 -17.76 17.57
N ARG F 39 -39.50 -18.50 16.76
CA ARG F 39 -39.20 -18.54 15.34
C ARG F 39 -39.61 -17.22 14.69
N LEU F 40 -40.75 -16.70 15.10
CA LEU F 40 -41.20 -15.39 14.66
C LEU F 40 -40.29 -14.31 15.21
N GLY F 41 -39.89 -14.41 16.47
CA GLY F 41 -38.95 -13.47 17.05
C GLY F 41 -37.64 -13.38 16.28
N ALA F 42 -37.11 -14.53 15.91
CA ALA F 42 -35.84 -14.59 15.19
C ALA F 42 -35.99 -14.01 13.80
N HIS F 43 -37.04 -14.39 13.10
CA HIS F 43 -37.25 -13.85 11.76
C HIS F 43 -37.39 -12.33 11.79
N GLU F 44 -38.19 -11.83 12.72
CA GLU F 44 -38.45 -10.38 12.82
C GLU F 44 -37.18 -9.63 13.20
N TYR F 45 -36.35 -10.22 14.06
CA TYR F 45 -35.03 -9.66 14.36
C TYR F 45 -34.19 -9.45 13.11
N HIS F 46 -34.17 -10.44 12.24
CA HIS F 46 -33.42 -10.32 10.98
C HIS F 46 -33.99 -9.28 10.03
N GLU F 47 -35.31 -9.09 10.04
CA GLU F 47 -35.91 -8.00 9.26
C GLU F 47 -35.44 -6.67 9.83
N SER F 48 -35.33 -6.55 11.15
CA SER F 48 -34.88 -5.30 11.75
C SER F 48 -33.43 -5.01 11.35
N ILE F 49 -32.58 -6.03 11.47
CA ILE F 49 -31.19 -5.89 11.07
C ILE F 49 -31.07 -5.49 9.59
N ASP F 50 -31.88 -6.10 8.73
CA ASP F 50 -31.86 -5.74 7.31
C ASP F 50 -32.21 -4.26 7.08
N GLU F 51 -33.20 -3.73 7.81
CA GLU F 51 -33.50 -2.31 7.70
C GLU F 51 -32.37 -1.43 8.21
N MET F 52 -31.68 -1.87 9.26
CA MET F 52 -30.51 -1.12 9.72
C MET F 52 -29.47 -0.99 8.60
N LYS F 53 -29.25 -2.07 7.85
CA LYS F 53 -28.25 -2.04 6.80
C LYS F 53 -28.70 -1.12 5.68
N HIS F 54 -29.99 -1.11 5.33
CA HIS F 54 -30.47 -0.13 4.37
C HIS F 54 -30.26 1.31 4.88
N ALA F 55 -30.56 1.57 6.15
CA ALA F 55 -30.42 2.91 6.71
C ALA F 55 -28.95 3.36 6.62
N ASP F 56 -28.03 2.45 6.90
CA ASP F 56 -26.61 2.72 6.78
C ASP F 56 -26.23 3.16 5.36
N LYS F 57 -26.65 2.41 4.35
CA LYS F 57 -26.40 2.80 2.96
C LYS F 57 -27.01 4.14 2.56
N LEU F 58 -28.21 4.43 3.02
CA LEU F 58 -28.82 5.74 2.77
C LEU F 58 -28.04 6.89 3.44
N ILE F 59 -27.66 6.70 4.68
CA ILE F 59 -26.88 7.70 5.41
C ILE F 59 -25.58 8.01 4.66
N GLU F 60 -24.89 6.95 4.24
CA GLU F 60 -23.63 7.08 3.49
C GLU F 60 -23.83 7.81 2.17
N ARG F 61 -24.90 7.49 1.45
CA ARG F 61 -25.18 8.15 0.17
C ARG F 61 -25.51 9.65 0.37
N ILE F 62 -26.33 9.96 1.38
CA ILE F 62 -26.67 11.35 1.69
C ILE F 62 -25.41 12.20 1.98
N LEU F 63 -24.48 11.67 2.78
CA LEU F 63 -23.21 12.35 3.05
C LEU F 63 -22.36 12.51 1.81
N PHE F 64 -22.29 11.48 0.96
CA PHE F 64 -21.56 11.62 -0.29
C PHE F 64 -22.12 12.77 -1.11
N LEU F 65 -23.45 12.89 -1.13
CA LEU F 65 -24.11 13.92 -1.93
C LEU F 65 -24.08 15.28 -1.25
N GLU F 66 -23.55 15.31 -0.03
CA GLU F 66 -23.33 16.52 0.74
C GLU F 66 -24.62 17.06 1.36
N GLY F 67 -25.54 16.17 1.68
CA GLY F 67 -26.72 16.55 2.44
C GLY F 67 -26.53 16.19 3.88
N LEU F 68 -27.52 16.51 4.69
CA LEU F 68 -27.49 16.19 6.12
C LEU F 68 -28.45 15.05 6.43
N PRO F 69 -27.92 13.87 6.82
CA PRO F 69 -28.83 12.76 7.13
C PRO F 69 -29.64 13.13 8.34
N ASN F 70 -30.93 12.84 8.31
CA ASN F 70 -31.83 13.17 9.43
C ASN F 70 -32.19 11.91 10.20
N LEU F 71 -31.60 11.73 11.38
CA LEU F 71 -31.88 10.59 12.23
C LEU F 71 -32.71 11.04 13.40
N GLN F 72 -33.12 12.30 13.38
CA GLN F 72 -33.79 12.90 14.54
C GLN F 72 -35.33 12.73 14.55
N ASP F 73 -35.97 12.78 13.38
CA ASP F 73 -37.44 12.87 13.31
C ASP F 73 -38.20 11.53 13.16
N LEU F 74 -38.17 10.69 14.18
CA LEU F 74 -38.81 9.40 14.12
C LEU F 74 -40.32 9.48 13.97
N GLY F 75 -40.84 8.91 12.88
CA GLY F 75 -42.29 8.85 12.67
C GLY F 75 -42.99 7.81 13.53
N LYS F 76 -44.27 7.59 13.28
CA LYS F 76 -45.09 6.72 14.11
C LYS F 76 -44.84 5.23 13.88
N LEU F 77 -44.61 4.49 14.95
CA LEU F 77 -44.50 3.05 14.86
C LEU F 77 -45.92 2.46 14.82
N LEU F 78 -46.07 1.33 14.17
CA LEU F 78 -47.35 0.61 14.14
C LEU F 78 -47.13 -0.69 14.91
N ILE F 79 -47.41 -0.66 16.20
CA ILE F 79 -47.19 -1.83 17.05
C ILE F 79 -48.50 -2.57 17.30
N GLY F 80 -48.58 -3.80 16.82
CA GLY F 80 -49.72 -4.68 17.07
C GLY F 80 -49.77 -5.30 18.46
N GLU F 81 -50.92 -5.88 18.79
CA GLU F 81 -51.18 -6.45 20.12
C GLU F 81 -51.18 -7.98 20.12
N ASN F 82 -51.18 -8.58 18.94
CA ASN F 82 -51.16 -10.04 18.79
C ASN F 82 -50.56 -10.35 17.43
N THR F 83 -50.25 -11.63 17.19
CA THR F 83 -49.43 -12.01 16.05
C THR F 83 -50.05 -11.54 14.72
N GLN F 84 -51.34 -11.81 14.54
CA GLN F 84 -51.98 -11.44 13.29
C GLN F 84 -51.95 -9.90 13.07
N GLU F 85 -52.24 -9.12 14.10
CA GLU F 85 -52.14 -7.66 13.97
C GLU F 85 -50.70 -7.14 13.75
N MET F 86 -49.70 -7.80 14.34
CA MET F 86 -48.31 -7.33 14.22
C MET F 86 -47.86 -7.53 12.79
N LEU F 87 -48.20 -8.69 12.23
CA LEU F 87 -47.90 -8.99 10.85
C LEU F 87 -48.60 -7.96 9.90
N GLN F 88 -49.87 -7.65 10.15
CA GLN F 88 -50.58 -6.70 9.29
C GLN F 88 -49.98 -5.30 9.44
N CYS F 89 -49.58 -4.92 10.66
CA CYS F 89 -48.88 -3.64 10.88
C CYS F 89 -47.56 -3.55 10.10
N ASP F 90 -46.77 -4.62 10.09
CA ASP F 90 -45.55 -4.63 9.28
C ASP F 90 -45.90 -4.48 7.80
N LEU F 91 -46.95 -5.15 7.35
CA LEU F 91 -47.36 -5.07 5.95
C LEU F 91 -47.87 -3.64 5.61
N ASN F 92 -48.67 -3.04 6.49
CA ASN F 92 -49.12 -1.66 6.25
C ASN F 92 -47.92 -0.72 6.14
N LEU F 93 -46.93 -0.94 6.99
CA LEU F 93 -45.71 -0.11 6.94
C LEU F 93 -45.00 -0.31 5.60
N GLU F 94 -44.87 -1.57 5.19
CA GLU F 94 -44.14 -1.85 3.96
C GLU F 94 -44.82 -1.31 2.72
N LEU F 95 -46.15 -1.31 2.69
CA LEU F 95 -46.83 -0.79 1.51
C LEU F 95 -46.60 0.72 1.38
N LYS F 96 -46.56 1.44 2.50
CA LYS F 96 -46.19 2.85 2.46
C LYS F 96 -44.71 3.02 2.01
N ALA F 97 -43.82 2.19 2.54
CA ALA F 97 -42.39 2.25 2.17
C ALA F 97 -42.17 2.11 0.67
N THR F 98 -42.82 1.12 0.05
CA THR F 98 -42.56 0.88 -1.37
C THR F 98 -43.14 2.01 -2.20
N LYS F 99 -44.26 2.58 -1.78
CA LYS F 99 -44.81 3.73 -2.50
C LYS F 99 -43.81 4.87 -2.50
N ASP F 100 -43.21 5.17 -1.35
CA ASP F 100 -42.22 6.26 -1.32
C ASP F 100 -40.96 5.94 -2.12
N LEU F 101 -40.55 4.67 -2.12
CA LEU F 101 -39.37 4.26 -2.86
C LEU F 101 -39.60 4.46 -4.35
N ARG F 102 -40.81 4.15 -4.81
CA ARG F 102 -41.13 4.34 -6.22
C ARG F 102 -41.09 5.84 -6.64
N GLU F 103 -41.64 6.71 -5.82
CA GLU F 103 -41.59 8.15 -6.09
C GLU F 103 -40.16 8.71 -6.04
N ALA F 104 -39.34 8.18 -5.14
CA ALA F 104 -37.93 8.59 -5.08
C ALA F 104 -37.19 8.17 -6.33
N ILE F 105 -37.47 6.97 -6.82
CA ILE F 105 -36.80 6.50 -8.02
C ILE F 105 -37.17 7.36 -9.24
N VAL F 106 -38.44 7.69 -9.40
CA VAL F 106 -38.87 8.54 -10.51
C VAL F 106 -38.04 9.81 -10.55
N HIS F 107 -37.87 10.43 -9.39
CA HIS F 107 -37.13 11.67 -9.30
C HIS F 107 -35.63 11.54 -9.59
N CYS F 108 -34.97 10.51 -9.02
CA CYS F 108 -33.57 10.26 -9.34
C CYS F 108 -33.38 10.10 -10.83
N GLU F 109 -34.31 9.40 -11.47
CA GLU F 109 -34.21 9.16 -12.92
C GLU F 109 -34.35 10.48 -13.69
N GLN F 110 -35.27 11.33 -13.25
CA GLN F 110 -35.52 12.64 -13.85
C GLN F 110 -34.28 13.55 -13.79
N VAL F 111 -33.55 13.55 -12.68
CA VAL F 111 -32.33 14.39 -12.57
C VAL F 111 -31.01 13.63 -12.85
N HIS F 112 -31.13 12.43 -13.39
CA HIS F 112 -30.01 11.61 -13.85
C HIS F 112 -29.06 11.17 -12.71
N ASP F 113 -29.59 11.02 -11.50
CA ASP F 113 -28.81 10.43 -10.40
C ASP F 113 -29.04 8.91 -10.43
N TYR F 114 -28.38 8.30 -11.39
CA TYR F 114 -28.56 6.89 -11.68
C TYR F 114 -28.02 5.96 -10.60
N VAL F 115 -27.00 6.39 -9.86
CA VAL F 115 -26.44 5.57 -8.77
C VAL F 115 -27.42 5.57 -7.59
N SER F 116 -27.96 6.72 -7.26
CA SER F 116 -29.01 6.78 -6.23
C SER F 116 -30.22 5.93 -6.60
N ARG F 117 -30.61 5.95 -7.87
CA ARG F 117 -31.74 5.14 -8.31
C ARG F 117 -31.45 3.65 -8.05
N ASP F 118 -30.24 3.25 -8.37
CA ASP F 118 -29.84 1.84 -8.25
C ASP F 118 -29.87 1.39 -6.80
N LEU F 119 -29.40 2.24 -5.90
CA LEU F 119 -29.47 1.96 -4.47
C LEU F 119 -30.90 1.80 -4.03
N LEU F 120 -31.77 2.71 -4.47
CA LEU F 120 -33.18 2.61 -4.06
C LEU F 120 -33.85 1.40 -4.66
N LYS F 121 -33.46 1.00 -5.86
CA LYS F 121 -34.07 -0.16 -6.48
C LYS F 121 -33.70 -1.43 -5.69
N ASP F 122 -32.46 -1.52 -5.20
CA ASP F 122 -32.05 -2.69 -4.42
C ASP F 122 -32.84 -2.77 -3.11
N ILE F 123 -33.06 -1.62 -2.47
CA ILE F 123 -33.91 -1.56 -1.29
C ILE F 123 -35.33 -2.00 -1.61
N LEU F 124 -35.86 -1.51 -2.72
CA LEU F 124 -37.21 -1.84 -3.13
C LEU F 124 -37.33 -3.35 -3.32
N GLU F 125 -36.36 -3.97 -3.97
CA GLU F 125 -36.38 -5.41 -4.15
C GLU F 125 -36.47 -6.13 -2.80
N SER F 126 -35.72 -5.65 -1.82
CA SER F 126 -35.73 -6.20 -0.48
CA SER F 126 -35.75 -6.23 -0.49
C SER F 126 -37.08 -6.02 0.22
N GLU F 127 -37.66 -4.81 0.10
CA GLU F 127 -38.94 -4.53 0.74
C GLU F 127 -40.06 -5.37 0.08
N GLU F 128 -39.98 -5.58 -1.24
CA GLU F 128 -40.96 -6.44 -1.91
C GLU F 128 -40.81 -7.90 -1.43
N GLU F 129 -39.59 -8.35 -1.16
CA GLU F 129 -39.41 -9.71 -0.59
C GLU F 129 -40.07 -9.79 0.77
N HIS F 130 -39.97 -8.71 1.54
CA HIS F 130 -40.62 -8.69 2.84
C HIS F 130 -42.15 -8.70 2.71
N ILE F 131 -42.71 -7.93 1.78
CA ILE F 131 -44.13 -8.01 1.50
C ILE F 131 -44.54 -9.45 1.16
N ASP F 132 -43.76 -10.12 0.32
CA ASP F 132 -44.06 -11.50 0.00
C ASP F 132 -44.10 -12.37 1.27
N TYR F 133 -43.07 -12.25 2.13
CA TYR F 133 -43.07 -12.98 3.40
C TYR F 133 -44.34 -12.72 4.21
N LEU F 134 -44.70 -11.45 4.38
CA LEU F 134 -45.87 -11.07 5.19
C LEU F 134 -47.19 -11.60 4.62
N GLU F 135 -47.40 -11.44 3.32
CA GLU F 135 -48.63 -11.94 2.72
C GLU F 135 -48.74 -13.45 2.86
N THR F 136 -47.60 -14.13 2.69
CA THR F 136 -47.56 -15.57 2.86
C THR F 136 -47.96 -15.98 4.30
N GLN F 137 -47.43 -15.29 5.32
CA GLN F 137 -47.73 -15.63 6.71
C GLN F 137 -49.22 -15.44 6.98
N LEU F 138 -49.76 -14.31 6.52
CA LEU F 138 -51.18 -14.07 6.72
C LEU F 138 -52.04 -15.13 6.03
N GLY F 139 -51.60 -15.58 4.85
CA GLY F 139 -52.26 -16.66 4.15
C GLY F 139 -52.16 -18.00 4.90
N LEU F 140 -51.01 -18.27 5.50
CA LEU F 140 -50.83 -19.52 6.21
C LEU F 140 -51.73 -19.56 7.45
N ILE F 141 -51.93 -18.42 8.08
CA ILE F 141 -52.82 -18.39 9.23
C ILE F 141 -54.21 -18.87 8.84
N GLN F 142 -54.69 -18.45 7.66
CA GLN F 142 -55.97 -18.92 7.15
C GLN F 142 -55.94 -20.39 6.75
N LYS F 143 -54.84 -20.85 6.15
CA LYS F 143 -54.78 -22.24 5.64
C LYS F 143 -54.57 -23.29 6.73
N VAL F 144 -53.73 -23.02 7.72
CA VAL F 144 -53.47 -24.04 8.71
C VAL F 144 -54.20 -23.78 10.01
N GLY F 145 -54.80 -22.58 10.15
CA GLY F 145 -55.46 -22.18 11.37
C GLY F 145 -54.50 -21.48 12.32
N LEU F 146 -54.99 -20.52 13.09
CA LEU F 146 -54.11 -19.72 13.95
C LEU F 146 -53.32 -20.55 14.98
N GLU F 147 -53.96 -21.52 15.63
CA GLU F 147 -53.28 -22.27 16.68
C GLU F 147 -52.13 -23.09 16.10
N ASN F 148 -52.35 -23.74 14.96
CA ASN F 148 -51.25 -24.46 14.28
C ASN F 148 -50.18 -23.48 13.83
N TYR F 149 -50.60 -22.36 13.26
CA TYR F 149 -49.59 -21.40 12.76
C TYR F 149 -48.64 -20.98 13.92
N LEU F 150 -49.21 -20.63 15.07
CA LEU F 150 -48.40 -20.20 16.21
C LEU F 150 -47.55 -21.36 16.74
N GLN F 151 -48.13 -22.55 16.82
CA GLN F 151 -47.36 -23.74 17.20
C GLN F 151 -46.10 -23.91 16.35
N SER F 152 -46.23 -23.73 15.04
CA SER F 152 -45.13 -23.89 14.12
C SER F 152 -44.08 -22.78 14.29
N HIS F 153 -44.38 -21.75 15.08
CA HIS F 153 -43.39 -20.69 15.28
C HIS F 153 -42.90 -20.60 16.72
N MET F 154 -43.20 -21.63 17.52
CA MET F 154 -42.69 -21.72 18.89
C MET F 154 -41.18 -21.97 18.93
N HIS F 155 -40.74 -22.95 18.17
CA HIS F 155 -39.35 -23.39 18.22
C HIS F 155 -38.56 -22.81 17.05
N GLU F 156 -37.37 -22.30 17.36
CA GLU F 156 -36.52 -21.69 16.36
C GLU F 156 -35.94 -22.77 15.41
N ASP F 157 -35.59 -22.36 14.20
CA ASP F 157 -34.96 -23.28 13.25
C ASP F 157 -33.44 -23.40 13.49
N MET G 1 55.65 -13.63 3.11
CA MET G 1 54.47 -12.78 3.40
C MET G 1 54.49 -11.66 2.38
N TYR G 2 53.31 -11.14 2.07
CA TYR G 2 53.21 -9.90 1.37
C TYR G 2 53.61 -8.77 2.33
N VAL G 3 54.55 -7.94 1.90
CA VAL G 3 54.94 -6.77 2.69
C VAL G 3 54.06 -5.61 2.23
N CYS G 4 53.88 -5.49 0.93
CA CYS G 4 53.05 -4.45 0.36
C CYS G 4 51.83 -5.06 -0.38
N LEU G 5 50.63 -4.88 0.16
CA LEU G 5 49.44 -5.47 -0.47
C LEU G 5 49.00 -4.64 -1.66
N CYS G 6 49.14 -3.31 -1.60
CA CYS G 6 48.74 -2.48 -2.74
C CYS G 6 49.44 -2.88 -4.05
N GLN G 7 50.73 -3.22 -3.96
CA GLN G 7 51.52 -3.46 -5.16
C GLN G 7 51.98 -4.91 -5.24
N GLY G 8 51.53 -5.72 -4.29
CA GLY G 8 51.77 -7.16 -4.33
C GLY G 8 53.22 -7.57 -4.20
N VAL G 9 53.94 -6.93 -3.28
CA VAL G 9 55.35 -7.19 -3.12
C VAL G 9 55.63 -8.00 -1.88
N THR G 10 56.33 -9.11 -2.05
CA THR G 10 56.63 -10.00 -0.93
C THR G 10 58.00 -9.69 -0.37
N ASP G 11 58.30 -10.22 0.81
CA ASP G 11 59.62 -10.02 1.40
C ASP G 11 60.71 -10.64 0.53
N ASN G 12 60.44 -11.78 -0.09
CA ASN G 12 61.40 -12.37 -1.02
C ASN G 12 61.63 -11.52 -2.27
N GLN G 13 60.59 -10.86 -2.75
CA GLN G 13 60.79 -10.00 -3.91
C GLN G 13 61.64 -8.75 -3.55
N ILE G 14 61.54 -8.28 -2.31
CA ILE G 14 62.42 -7.19 -1.86
C ILE G 14 63.88 -7.68 -1.82
N ARG G 15 64.13 -8.84 -1.23
CA ARG G 15 65.46 -9.42 -1.28
C ARG G 15 65.97 -9.58 -2.72
N ASP G 16 65.13 -10.14 -3.58
CA ASP G 16 65.55 -10.33 -4.97
C ASP G 16 66.01 -9.01 -5.61
N ALA G 17 65.26 -7.93 -5.37
CA ALA G 17 65.58 -6.65 -6.03
C ALA G 17 66.95 -6.17 -5.56
N ILE G 18 67.27 -6.42 -4.29
CA ILE G 18 68.56 -6.05 -3.74
C ILE G 18 69.65 -6.91 -4.40
N TYR G 19 69.47 -8.23 -4.36
CA TYR G 19 70.43 -9.13 -5.00
C TYR G 19 70.64 -8.74 -6.46
N GLU G 20 69.61 -8.22 -7.11
CA GLU G 20 69.72 -7.85 -8.52
C GLU G 20 70.32 -6.46 -8.74
N GLY G 21 70.67 -5.77 -7.67
CA GLY G 21 71.41 -4.52 -7.79
C GLY G 21 70.84 -3.27 -7.13
N CYS G 22 69.67 -3.36 -6.52
CA CYS G 22 69.17 -2.24 -5.73
C CYS G 22 69.98 -2.03 -4.44
N CYS G 23 70.26 -0.76 -4.14
CA CYS G 23 71.17 -0.40 -3.04
C CYS G 23 70.52 0.30 -1.86
N SER G 24 69.24 0.60 -1.99
CA SER G 24 68.52 1.34 -0.98
C SER G 24 67.02 1.07 -1.12
N TYR G 25 66.27 1.44 -0.11
CA TYR G 25 64.81 1.36 -0.19
C TYR G 25 64.27 2.14 -1.38
N ARG G 26 64.75 3.37 -1.57
CA ARG G 26 64.25 4.16 -2.72
C ARG G 26 64.50 3.43 -4.05
N GLU G 27 65.63 2.75 -4.18
CA GLU G 27 65.88 1.97 -5.40
C GLU G 27 64.95 0.75 -5.50
N VAL G 28 64.75 0.06 -4.37
CA VAL G 28 63.81 -1.07 -4.36
C VAL G 28 62.40 -0.60 -4.75
N ARG G 29 62.00 0.57 -4.25
CA ARG G 29 60.72 1.14 -4.58
C ARG G 29 60.54 1.44 -6.07
N GLU G 30 61.60 1.91 -6.72
CA GLU G 30 61.54 2.20 -8.14
C GLU G 30 61.43 0.89 -8.93
N ALA G 31 62.13 -0.13 -8.45
CA ALA G 31 62.12 -1.45 -9.08
C ALA G 31 60.80 -2.22 -8.93
N THR G 32 60.16 -2.09 -7.77
CA THR G 32 59.06 -3.00 -7.41
C THR G 32 57.72 -2.31 -7.19
N GLY G 33 57.73 -1.01 -6.93
CA GLY G 33 56.50 -0.30 -6.61
C GLY G 33 56.14 -0.35 -5.13
N VAL G 34 56.94 -1.02 -4.32
CA VAL G 34 56.62 -1.16 -2.90
C VAL G 34 56.38 0.22 -2.27
N GLY G 35 55.28 0.33 -1.54
CA GLY G 35 55.01 1.52 -0.74
C GLY G 35 54.66 2.78 -1.51
N THR G 36 54.26 2.61 -2.76
CA THR G 36 53.92 3.77 -3.59
C THR G 36 52.43 4.16 -3.54
N GLN G 37 51.60 3.40 -2.83
CA GLN G 37 50.17 3.72 -2.78
C GLN G 37 49.74 4.24 -1.41
N CYS G 38 49.26 3.38 -0.53
CA CYS G 38 48.84 3.84 0.81
C CYS G 38 50.02 4.10 1.71
N GLY G 39 51.15 3.46 1.47
CA GLY G 39 52.34 3.76 2.25
C GLY G 39 52.42 3.07 3.59
N LYS G 40 51.41 2.27 3.95
CA LYS G 40 51.39 1.67 5.28
C LYS G 40 52.50 0.65 5.50
N CYS G 41 52.98 0.06 4.41
CA CYS G 41 54.04 -0.95 4.47
C CYS G 41 55.47 -0.38 4.54
N ALA G 42 55.62 0.93 4.42
CA ALA G 42 56.94 1.49 4.14
C ALA G 42 57.92 1.11 5.23
N SER G 43 57.53 1.22 6.49
CA SER G 43 58.49 0.91 7.56
C SER G 43 58.90 -0.58 7.58
N LEU G 44 57.98 -1.46 7.23
CA LEU G 44 58.31 -2.89 7.21
C LEU G 44 59.24 -3.17 6.01
N ALA G 45 58.93 -2.59 4.86
CA ALA G 45 59.75 -2.74 3.68
C ALA G 45 61.19 -2.24 3.95
N LYS G 46 61.31 -1.09 4.61
CA LYS G 46 62.61 -0.52 4.99
C LYS G 46 63.41 -1.44 5.89
N GLN G 47 62.73 -2.05 6.85
CA GLN G 47 63.33 -3.04 7.72
C GLN G 47 63.86 -4.24 6.93
N VAL G 48 63.10 -4.74 5.97
CA VAL G 48 63.60 -5.86 5.14
C VAL G 48 64.82 -5.47 4.31
N VAL G 49 64.79 -4.28 3.74
CA VAL G 49 65.92 -3.76 2.98
C VAL G 49 67.13 -3.66 3.90
N ARG G 50 66.93 -3.08 5.08
CA ARG G 50 68.02 -2.90 6.02
C ARG G 50 68.65 -4.24 6.41
N GLU G 51 67.81 -5.20 6.79
CA GLU G 51 68.30 -6.53 7.15
C GLU G 51 69.04 -7.20 5.98
N THR G 52 68.49 -7.06 4.78
CA THR G 52 69.12 -7.68 3.63
C THR G 52 70.53 -7.09 3.33
N LEU G 53 70.63 -5.77 3.31
CA LEU G 53 71.92 -5.11 3.05
C LEU G 53 72.94 -5.46 4.12
N ASN G 54 72.45 -5.58 5.36
CA ASN G 54 73.32 -5.95 6.47
C ASN G 54 73.81 -7.40 6.35
N ASP G 55 72.96 -8.29 5.85
CA ASP G 55 73.36 -9.68 5.68
C ASP G 55 74.31 -9.84 4.50
N LEU G 56 74.22 -8.94 3.52
CA LEU G 56 75.12 -9.00 2.38
C LEU G 56 76.55 -8.61 2.75
N GLN G 57 76.76 -8.26 4.02
CA GLN G 57 78.10 -8.03 4.57
C GLN G 57 78.52 -9.15 5.53
N MET H 1 -6.07 -2.61 -44.47
CA MET H 1 -6.08 -2.23 -43.03
C MET H 1 -6.82 -0.90 -42.85
N TYR H 2 -7.20 -0.61 -41.61
CA TYR H 2 -7.80 0.69 -41.28
C TYR H 2 -6.77 1.82 -41.46
N VAL H 3 -7.10 2.78 -42.32
CA VAL H 3 -6.29 3.97 -42.48
C VAL H 3 -6.72 4.98 -41.43
N CYS H 4 -8.01 5.07 -41.19
CA CYS H 4 -8.56 5.98 -40.18
C CYS H 4 -9.37 5.17 -39.17
N LEU H 5 -8.93 5.12 -37.90
CA LEU H 5 -9.64 4.36 -36.86
C LEU H 5 -10.82 5.15 -36.31
N CYS H 6 -10.65 6.47 -36.19
CA CYS H 6 -11.70 7.37 -35.73
C CYS H 6 -12.99 7.24 -36.56
N GLN H 7 -12.83 7.10 -37.88
CA GLN H 7 -13.99 7.02 -38.79
C GLN H 7 -14.17 5.64 -39.43
N GLY H 8 -13.28 4.70 -39.10
CA GLY H 8 -13.35 3.35 -39.64
C GLY H 8 -13.21 3.24 -41.15
N VAL H 9 -12.24 3.95 -41.70
CA VAL H 9 -11.99 3.96 -43.14
C VAL H 9 -10.79 3.09 -43.48
N THR H 10 -11.03 2.07 -44.30
CA THR H 10 -9.98 1.16 -44.74
C THR H 10 -9.33 1.71 -46.02
N ASP H 11 -8.15 1.20 -46.35
CA ASP H 11 -7.46 1.62 -47.57
C ASP H 11 -8.27 1.25 -48.83
N ASN H 12 -9.09 0.20 -48.73
CA ASN H 12 -9.93 -0.24 -49.84
C ASN H 12 -11.15 0.66 -50.02
N GLN H 13 -11.62 1.24 -48.93
CA GLN H 13 -12.72 2.21 -48.99
C GLN H 13 -12.24 3.52 -49.64
N ILE H 14 -10.97 3.87 -49.41
CA ILE H 14 -10.36 5.00 -50.11
C ILE H 14 -10.21 4.67 -51.61
N ARG H 15 -9.86 3.42 -51.92
CA ARG H 15 -9.81 2.95 -53.31
C ARG H 15 -11.17 2.40 -53.78
N VAL H 34 -12.93 10.84 -43.27
CA VAL H 34 -11.56 10.39 -43.01
C VAL H 34 -10.69 11.55 -42.57
N GLY H 35 -9.90 11.34 -41.52
CA GLY H 35 -9.01 12.35 -41.01
C GLY H 35 -9.74 13.53 -40.36
N THR H 36 -11.06 13.41 -40.20
CA THR H 36 -11.87 14.51 -39.67
C THR H 36 -11.82 14.63 -38.16
N GLN H 37 -11.47 13.53 -37.47
CA GLN H 37 -11.50 13.55 -36.01
C GLN H 37 -10.15 13.96 -35.41
N CYS H 38 -9.29 12.99 -35.08
CA CYS H 38 -8.03 13.31 -34.41
C CYS H 38 -6.95 13.76 -35.41
N GLY H 39 -7.05 13.31 -36.66
CA GLY H 39 -6.16 13.76 -37.73
C GLY H 39 -4.80 13.05 -37.86
N LYS H 40 -4.54 12.07 -36.99
CA LYS H 40 -3.25 11.37 -36.99
C LYS H 40 -3.02 10.55 -38.27
N CYS H 41 -4.11 10.29 -38.98
CA CYS H 41 -4.09 9.43 -40.15
C CYS H 41 -3.97 10.21 -41.47
N ALA H 42 -4.07 11.53 -41.38
CA ALA H 42 -4.17 12.39 -42.58
C ALA H 42 -3.04 12.13 -43.59
N SER H 43 -1.80 12.17 -43.13
CA SER H 43 -0.66 11.90 -43.98
C SER H 43 -0.81 10.57 -44.73
N LEU H 44 -1.27 9.53 -44.03
CA LEU H 44 -1.42 8.21 -44.63
C LEU H 44 -2.54 8.17 -45.65
N ALA H 45 -3.66 8.80 -45.32
CA ALA H 45 -4.81 8.85 -46.23
C ALA H 45 -4.46 9.67 -47.48
N LYS H 46 -3.77 10.80 -47.27
CA LYS H 46 -3.32 11.65 -48.38
C LYS H 46 -2.38 10.88 -49.31
N GLN H 47 -1.62 9.94 -48.74
CA GLN H 47 -0.72 9.09 -49.52
C GLN H 47 -1.49 8.03 -50.31
N VAL H 48 -2.36 7.29 -49.62
CA VAL H 48 -3.18 6.28 -50.30
C VAL H 48 -3.85 6.93 -51.49
N VAL H 49 -4.29 8.17 -51.31
CA VAL H 49 -4.93 8.94 -52.38
C VAL H 49 -3.94 9.24 -53.51
N ARG H 50 -2.77 9.80 -53.16
CA ARG H 50 -1.73 10.10 -54.13
C ARG H 50 -1.07 8.84 -54.69
N GLU H 51 -1.90 7.89 -55.13
CA GLU H 51 -1.43 6.62 -55.66
C GLU H 51 -2.51 5.97 -56.51
N MET I 1 -54.40 -2.19 18.07
CA MET I 1 -53.01 -1.64 17.85
C MET I 1 -52.75 -0.64 18.96
N TYR I 2 -51.48 -0.40 19.28
CA TYR I 2 -51.14 0.66 20.21
C TYR I 2 -51.25 1.98 19.44
N VAL I 3 -52.08 2.89 19.95
CA VAL I 3 -52.13 4.23 19.38
C VAL I 3 -51.03 5.05 20.02
N CYS I 4 -50.88 4.91 21.34
CA CYS I 4 -49.86 5.66 22.08
C CYS I 4 -48.89 4.70 22.78
N LEU I 5 -47.67 4.64 22.25
CA LEU I 5 -46.66 3.75 22.78
C LEU I 5 -46.11 4.28 24.10
N CYS I 6 -45.97 5.60 24.21
CA CYS I 6 -45.47 6.22 25.46
C CYS I 6 -46.31 5.84 26.65
N GLN I 7 -47.63 5.88 26.49
CA GLN I 7 -48.52 5.64 27.61
C GLN I 7 -49.23 4.28 27.54
N GLY I 8 -48.93 3.47 26.52
CA GLY I 8 -49.54 2.15 26.39
C GLY I 8 -51.04 2.16 26.12
N VAL I 9 -51.50 3.06 25.25
CA VAL I 9 -52.93 3.16 24.96
C VAL I 9 -53.30 2.58 23.60
N THR I 10 -54.22 1.63 23.60
CA THR I 10 -54.66 1.00 22.37
C THR I 10 -55.91 1.67 21.81
N ASP I 11 -56.22 1.45 20.54
CA ASP I 11 -57.45 2.02 19.96
C ASP I 11 -58.70 1.47 20.68
N ASN I 12 -58.67 0.23 21.13
CA ASN I 12 -59.78 -0.30 21.92
C ASN I 12 -59.95 0.45 23.23
N GLN I 13 -58.83 0.84 23.82
CA GLN I 13 -58.88 1.51 25.09
C GLN I 13 -59.45 2.92 24.96
N ILE I 14 -59.16 3.57 23.84
CA ILE I 14 -59.76 4.87 23.55
C ILE I 14 -61.29 4.72 23.37
N ARG I 15 -61.71 3.74 22.58
CA ARG I 15 -63.14 3.43 22.45
C ARG I 15 -63.80 3.18 23.81
N ASP I 16 -63.17 2.36 24.63
CA ASP I 16 -63.71 2.07 25.95
C ASP I 16 -63.92 3.32 26.81
N ALA I 17 -62.99 4.27 26.73
CA ALA I 17 -63.08 5.48 27.56
C ALA I 17 -64.26 6.32 27.10
N ILE I 18 -64.48 6.35 25.79
CA ILE I 18 -65.61 7.08 25.24
C ILE I 18 -66.93 6.42 25.68
N TYR I 19 -67.00 5.10 25.58
CA TYR I 19 -68.19 4.36 26.03
C TYR I 19 -68.45 4.55 27.53
N GLU I 20 -67.40 4.69 28.33
CA GLU I 20 -67.56 4.81 29.78
C GLU I 20 -67.87 6.25 30.22
N GLY I 21 -67.97 7.18 29.28
CA GLY I 21 -68.29 8.56 29.62
C GLY I 21 -67.61 9.69 28.86
N CYS I 22 -66.36 9.52 28.44
CA CYS I 22 -65.61 10.63 27.86
C CYS I 22 -66.32 11.16 26.62
N CYS I 23 -66.42 12.49 26.50
CA CYS I 23 -67.17 13.08 25.39
C CYS I 23 -66.30 13.93 24.47
N SER I 24 -65.00 13.90 24.68
CA SER I 24 -64.10 14.74 23.89
C SER I 24 -62.67 14.19 23.98
N TYR I 25 -61.82 14.62 23.06
CA TYR I 25 -60.42 14.23 23.09
C TYR I 25 -59.79 14.56 24.45
N ARG I 26 -60.05 15.76 24.96
CA ARG I 26 -59.40 16.16 26.20
C ARG I 26 -59.80 15.21 27.32
N GLU I 27 -61.06 14.83 27.35
CA GLU I 27 -61.50 13.90 28.37
C GLU I 27 -60.84 12.51 28.19
N VAL I 28 -60.63 12.08 26.96
CA VAL I 28 -59.93 10.80 26.72
C VAL I 28 -58.46 10.90 27.17
N ARG I 29 -57.84 12.03 26.86
CA ARG I 29 -56.46 12.31 27.31
C ARG I 29 -56.34 12.25 28.84
N GLU I 30 -57.28 12.89 29.54
CA GLU I 30 -57.25 12.88 31.00
C GLU I 30 -57.49 11.48 31.57
N ALA I 31 -58.29 10.67 30.88
CA ALA I 31 -58.54 9.31 31.35
C ALA I 31 -57.40 8.33 31.02
N THR I 32 -56.68 8.53 29.91
CA THR I 32 -55.70 7.53 29.43
C THR I 32 -54.24 8.01 29.35
N GLY I 33 -54.03 9.31 29.26
CA GLY I 33 -52.70 9.86 29.15
C GLY I 33 -52.24 9.89 27.71
N VAL I 34 -53.13 9.56 26.79
CA VAL I 34 -52.77 9.53 25.38
C VAL I 34 -52.18 10.87 24.93
N GLY I 35 -51.02 10.81 24.27
CA GLY I 35 -50.41 11.99 23.69
C GLY I 35 -49.71 12.92 24.67
N THR I 36 -49.53 12.51 25.92
CA THR I 36 -49.00 13.46 26.90
C THR I 36 -47.48 13.40 27.05
N GLN I 37 -46.79 12.55 26.27
CA GLN I 37 -45.34 12.44 26.43
C GLN I 37 -44.65 13.02 25.19
N CYS I 38 -44.34 12.19 24.20
CA CYS I 38 -43.69 12.70 22.99
C CYS I 38 -44.67 13.42 22.07
N GLY I 39 -45.94 13.07 22.18
CA GLY I 39 -47.00 13.73 21.40
C GLY I 39 -47.17 13.26 19.95
N LYS I 40 -46.37 12.29 19.50
CA LYS I 40 -46.39 11.94 18.08
C LYS I 40 -47.71 11.25 17.68
N CYS I 41 -48.39 10.67 18.66
CA CYS I 41 -49.61 9.92 18.36
C CYS I 41 -50.86 10.80 18.30
N ALA I 42 -50.70 12.09 18.57
CA ALA I 42 -51.86 12.97 18.83
C ALA I 42 -52.89 12.95 17.71
N SER I 43 -52.43 13.09 16.48
CA SER I 43 -53.34 13.23 15.36
C SER I 43 -54.11 11.94 15.20
N LEU I 44 -53.44 10.83 15.44
CA LEU I 44 -54.11 9.53 15.36
C LEU I 44 -55.12 9.33 16.48
N ALA I 45 -54.74 9.65 17.71
CA ALA I 45 -55.67 9.52 18.81
C ALA I 45 -56.91 10.40 18.57
N LYS I 46 -56.69 11.59 18.03
CA LYS I 46 -57.80 12.52 17.79
C LYS I 46 -58.72 11.95 16.72
N GLN I 47 -58.14 11.35 15.69
CA GLN I 47 -58.91 10.65 14.69
C GLN I 47 -59.76 9.51 15.26
N VAL I 48 -59.17 8.68 16.12
CA VAL I 48 -59.92 7.57 16.71
C VAL I 48 -61.07 8.11 17.57
N VAL I 49 -60.83 9.20 18.28
CA VAL I 49 -61.87 9.77 19.14
C VAL I 49 -63.01 10.34 18.26
N ARG I 50 -62.65 11.08 17.23
CA ARG I 50 -63.63 11.70 16.35
C ARG I 50 -64.48 10.66 15.63
N GLU I 51 -63.85 9.60 15.16
CA GLU I 51 -64.56 8.50 14.54
C GLU I 51 -65.49 7.80 15.52
N THR I 52 -65.04 7.55 16.73
CA THR I 52 -65.87 6.84 17.70
C THR I 52 -67.09 7.70 18.06
N LEU I 53 -66.89 9.00 18.20
CA LEU I 53 -67.98 9.90 18.61
C LEU I 53 -69.04 9.97 17.51
N ASN I 54 -68.62 10.04 16.26
CA ASN I 54 -69.57 10.10 15.14
C ASN I 54 -70.38 8.82 14.99
N ASP I 55 -69.77 7.68 15.29
CA ASP I 55 -70.38 6.37 15.12
C ASP I 55 -71.42 6.04 16.18
N LEU I 56 -71.49 6.83 17.25
CA LEU I 56 -72.53 6.60 18.25
C LEU I 56 -73.41 7.83 18.43
K K J . 46.08 -39.51 1.83
CHA HEM K . 27.99 -10.12 6.90
CHA HEM K . 28.02 -10.09 7.00
CHB HEM K . 31.59 -9.36 3.71
CHB HEM K . 29.64 -6.55 9.93
CHC HEM K . 33.33 -5.90 6.63
CHC HEM K . 33.17 -5.60 6.76
CHD HEM K . 29.48 -6.26 9.55
CHD HEM K . 31.76 -9.31 3.93
C1A HEM K . 28.80 -10.21 5.78
C1A HEM K . 28.15 -9.21 8.05
C2A HEM K . 28.64 -11.10 4.65
C2A HEM K . 27.28 -9.12 9.21
C3A HEM K . 29.62 -10.90 3.79
C3A HEM K . 27.72 -8.15 10.01
C4A HEM K . 30.46 -9.86 4.32
C4A HEM K . 28.89 -7.57 9.41
CMA HEM K . 29.84 -11.60 2.44
CMA HEM K . 27.09 -7.73 11.35
CAA HEM K . 27.48 -12.11 4.48
CAA HEM K . 26.06 -9.98 9.50
CBA HEM K . 26.31 -11.34 3.88
CBA HEM K . 26.58 -11.29 10.12
CGA HEM K . 25.12 -12.24 3.66
CGA HEM K . 25.41 -12.10 10.63
O1A HEM K . 25.09 -12.98 2.65
O1A HEM K . 24.95 -11.83 11.77
O2A HEM K . 24.20 -12.21 4.51
O2A HEM K . 24.96 -13.02 9.90
C1B HEM K . 32.37 -8.36 4.22
C1B HEM K . 30.72 -5.96 9.32
C2B HEM K . 33.58 -7.84 3.62
C2B HEM K . 31.44 -4.80 9.81
C3B HEM K . 34.06 -6.88 4.42
C3B HEM K . 32.43 -4.55 8.94
C4B HEM K . 33.18 -6.76 5.57
C4B HEM K . 32.34 -5.51 7.86
CMB HEM K . 34.12 -8.36 2.28
CMB HEM K . 31.08 -4.08 11.12
CAB HEM K . 35.32 -6.02 4.26
CAB HEM K . 33.46 -3.41 8.99
CBB HEM K . 36.32 -6.44 3.48
CBB HEM K . 33.23 -2.28 9.67
C1C HEM K . 32.44 -5.68 7.66
C1C HEM K . 33.10 -6.52 5.75
C2C HEM K . 32.62 -4.72 8.71
C2C HEM K . 34.03 -6.61 4.63
C3C HEM K . 31.56 -4.82 9.55
C3C HEM K . 33.63 -7.62 3.84
C4C HEM K . 30.68 -5.85 9.01
C4C HEM K . 32.45 -8.23 4.43
CMC HEM K . 33.85 -3.81 8.79
CMC HEM K . 35.20 -5.63 4.46
CAC HEM K . 31.21 -4.03 10.83
CAC HEM K . 34.23 -8.17 2.52
CBC HEM K . 31.90 -2.97 11.25
CBC HEM K . 35.47 -7.88 2.11
C1D HEM K . 28.77 -7.38 9.18
C1D HEM K . 30.59 -9.83 4.44
C2D HEM K . 27.72 -8.00 9.94
C2D HEM K . 29.74 -10.78 3.77
C3D HEM K . 27.26 -9.21 9.12
C3D HEM K . 28.56 -11.03 4.73
C4D HEM K . 28.08 -9.20 7.92
C4D HEM K . 28.82 -10.18 5.88
CMD HEM K . 27.18 -7.55 11.32
CMD HEM K . 29.98 -11.40 2.38
CAD HEM K . 26.15 -10.20 9.52
CAD HEM K . 27.34 -11.95 4.49
CBD HEM K . 26.82 -11.44 10.12
CBD HEM K . 26.33 -11.16 3.67
CGD HEM K . 25.77 -12.37 10.70
CGD HEM K . 25.14 -12.01 3.26
O1D HEM K . 25.59 -13.48 10.14
O1D HEM K . 24.07 -11.90 3.92
O2D HEM K . 25.13 -12.01 11.73
O2D HEM K . 25.25 -12.79 2.28
NA HEM K . 29.95 -9.46 5.55
NA HEM K . 29.14 -8.25 8.22
NB HEM K . 32.16 -7.70 5.41
NB HEM K . 31.28 -6.36 8.14
NC HEM K . 31.25 -6.35 7.87
NC HEM K . 32.17 -7.54 5.60
ND HEM K . 28.95 -8.12 8.01
ND HEM K . 30.02 -9.51 5.67
FE HEM K . 30.60 -7.93 6.71
FE HEM K . 30.61 -7.87 6.88
NA NA L . 44.89 -27.35 20.36
K K M . 3.09 13.97 12.46
NA NA N . 13.61 9.42 -6.51
CHA HEM O . -2.94 -4.50 -16.47
CHA HEM O . -2.69 -4.69 -16.71
CHB HEM O . -5.92 -3.00 -19.96
CHB HEM O . 0.26 -0.92 -17.54
CHC HEM O . -3.04 0.76 -20.90
CHC HEM O . -2.71 0.61 -21.04
CHD HEM O . -0.04 -0.63 -17.35
CHD HEM O . -5.69 -3.14 -20.26
C1A HEM O . -4.02 -4.42 -17.32
C1A HEM O . -1.64 -3.82 -16.65
C2A HEM O . -5.16 -5.31 -17.35
C2A HEM O . -0.51 -3.93 -15.76
C3A HEM O . -5.98 -4.91 -18.31
C3A HEM O . 0.31 -2.91 -15.98
C4A HEM O . -5.39 -3.74 -18.93
C4A HEM O . -0.28 -2.08 -17.02
CMA HEM O . -7.33 -5.56 -18.71
CMA HEM O . 1.64 -2.66 -15.24
CAA HEM O . -5.38 -6.51 -16.42
CAA HEM O . -0.27 -5.06 -14.74
CBA HEM O . -6.06 -5.98 -15.17
CBA HEM O . 0.47 -6.17 -15.49
CGA HEM O . -6.36 -7.10 -14.20
CGA HEM O . 0.81 -7.30 -14.54
O1A HEM O . -7.07 -8.06 -14.59
O1A HEM O . 1.74 -7.14 -13.71
O2A HEM O . -5.89 -7.00 -13.03
O2A HEM O . 0.14 -8.36 -14.64
C1B HEM O . -5.38 -1.88 -20.53
C1B HEM O . -0.29 -0.15 -18.54
C2B HEM O . -5.91 -1.20 -21.69
C2B HEM O . 0.21 1.14 -19.00
C3B HEM O . -5.13 -0.14 -21.94
C3B HEM O . -0.63 1.55 -19.99
C4B HEM O . -4.06 -0.14 -20.96
C4B HEM O . -1.66 0.56 -20.14
CMB HEM O . -7.20 -1.66 -22.43
CMB HEM O . 1.48 1.82 -18.45
CAB HEM O . -5.23 0.88 -23.09
CAB HEM O . -0.59 2.84 -20.82
CBB HEM O . -5.95 0.62 -24.18
CBB HEM O . 0.11 3.91 -20.43
C1C HEM O . -1.95 0.69 -20.06
C1C HEM O . -3.78 -0.25 -21.09
C2C HEM O . -0.79 1.55 -20.13
C2C HEM O . -4.92 -0.07 -21.95
C3C HEM O . 0.07 1.17 -19.14
C3C HEM O . -5.77 -1.11 -21.74
C4C HEM O . -0.56 0.05 -18.43
C4C HEM O . -5.16 -1.97 -20.74
CMC HEM O . -0.67 2.66 -21.19
CMC HEM O . -5.04 1.15 -22.90
CAC HEM O . 1.45 1.73 -18.76
CAC HEM O . -7.14 -1.44 -22.38
CBC HEM O . 2.03 2.73 -19.41
CBC HEM O . -7.77 -0.65 -23.25
C1D HEM O . -0.48 -1.84 -16.84
C1D HEM O . -5.21 -3.88 -19.19
C2D HEM O . 0.26 -2.70 -15.93
C2D HEM O . -5.92 -4.97 -18.53
C3D HEM O . -0.65 -3.90 -15.66
C3D HEM O . -4.99 -5.45 -17.42
C4D HEM O . -1.85 -3.66 -16.42
C4D HEM O . -3.81 -4.60 -17.52
CMD HEM O . 1.67 -2.47 -15.35
CMD HEM O . -7.34 -5.50 -18.88
CAD HEM O . -0.33 -5.13 -14.77
CAD HEM O . -5.24 -6.57 -16.39
CBD HEM O . 0.49 -6.09 -15.62
CBD HEM O . -5.95 -5.95 -15.20
CGD HEM O . 0.87 -7.32 -14.83
CGD HEM O . -6.26 -7.01 -14.15
O1D HEM O . 0.01 -8.25 -14.73
O1D HEM O . -5.50 -7.12 -13.17
O2D HEM O . 2.01 -7.36 -14.29
O2D HEM O . -7.29 -7.73 -14.32
NA HEM O . -4.20 -3.46 -18.29
NA HEM O . -1.47 -2.66 -17.39
NB HEM O . -4.26 -1.21 -20.11
NB HEM O . -1.42 -0.47 -19.25
NC HEM O . -1.78 -0.20 -19.02
NC HEM O . -3.96 -1.42 -20.36
ND HEM O . -1.71 -2.44 -17.09
ND HEM O . -3.99 -3.72 -18.57
FE HEM O . -3.01 -1.79 -18.54
FE HEM O . -2.63 -2.13 -18.96
NA NA P . -15.79 12.14 1.10
NA NA Q . 10.20 -18.79 -36.25
CHA HEM R . -26.49 -4.38 14.36
CHA HEM R . -26.61 -4.49 14.56
CHB HEM R . -27.16 -0.11 12.12
CHB HEM R . -30.06 -3.52 17.83
CHC HEM R . -30.64 0.99 15.29
CHC HEM R . -30.91 0.74 15.68
CHD HEM R . -30.09 -3.30 17.53
CHD HEM R . -27.30 -0.04 12.56
C1A HEM R . -26.40 -3.33 13.47
C1A HEM R . -27.45 -4.59 15.65
C2A HEM R . -25.54 -3.28 12.30
C2A HEM R . -27.48 -5.68 16.60
C3A HEM R . -25.73 -2.13 11.69
C3A HEM R . -28.43 -5.41 17.51
C4A HEM R . -26.71 -1.36 12.44
C4A HEM R . -29.04 -4.14 17.16
CMA HEM R . -25.04 -1.65 10.40
CMA HEM R . -28.78 -6.31 18.70
CAA HEM R . -24.60 -4.41 11.83
CAA HEM R . -26.55 -6.91 16.61
CBA HEM R . -25.53 -5.43 11.16
CBA HEM R . -25.24 -6.46 17.27
CGA HEM R . -24.74 -6.52 10.50
CGA HEM R . -24.25 -7.60 17.41
O1A HEM R . -23.77 -6.22 9.75
O1A HEM R . -24.65 -8.70 17.88
O2A HEM R . -25.09 -7.71 10.72
O2A HEM R . -23.06 -7.39 17.06
C1B HEM R . -28.16 0.56 12.77
C1B HEM R . -30.58 -2.27 17.55
C2B HEM R . -28.66 1.89 12.43
C2B HEM R . -31.63 -1.57 18.30
C3B HEM R . -29.62 2.18 13.30
C3B HEM R . -31.83 -0.40 17.69
C4B HEM R . -29.75 1.08 14.24
C4B HEM R . -30.97 -0.32 16.54
CMB HEM R . -28.13 2.72 11.24
CMB HEM R . -32.31 -2.11 19.56
CAB HEM R . -30.43 3.48 13.37
CAB HEM R . -32.84 0.71 18.06
CBB HEM R . -29.86 4.62 12.95
CBB HEM R . -33.95 0.44 18.73
C1C HEM R . -30.78 -0.07 16.17
C1C HEM R . -30.00 0.93 14.65
C2C HEM R . -31.72 -0.09 17.25
C2C HEM R . -29.91 2.10 13.80
C3C HEM R . -31.58 -1.27 17.89
C3C HEM R . -28.92 1.88 12.92
C4C HEM R . -30.54 -2.03 17.21
C4C HEM R . -28.35 0.56 13.22
CMC HEM R . -32.66 1.10 17.55
CMC HEM R . -30.85 3.30 13.94
CAC HEM R . -32.32 -1.82 19.13
CAC HEM R . -28.37 2.76 11.79
CBC HEM R . -33.33 -1.18 19.74
CBC HEM R . -28.93 3.92 11.42
C1D HEM R . -29.05 -3.97 16.93
C1D HEM R . -26.83 -1.32 12.77
C2D HEM R . -28.46 -5.22 17.40
C2D HEM R . -25.87 -1.99 11.91
C3D HEM R . -27.34 -5.54 16.41
C3D HEM R . -25.64 -3.37 12.53
C4D HEM R . -27.34 -4.47 15.45
C4D HEM R . -26.50 -3.42 13.70
CMD HEM R . -28.88 -6.04 18.63
CMD HEM R . -25.22 -1.40 10.65
CAD HEM R . -26.39 -6.76 16.46
CAD HEM R . -24.73 -4.49 12.00
CBD HEM R . -25.27 -6.37 17.43
CBD HEM R . -25.54 -5.36 11.05
CGD HEM R . -24.32 -7.52 17.62
CGD HEM R . -24.65 -6.44 10.49
O1D HEM R . -23.47 -7.73 16.71
O1D HEM R . -24.41 -7.44 11.23
O2D HEM R . -24.42 -8.21 18.67
O2D HEM R . -24.16 -6.30 9.33
NA HEM R . -27.10 -2.13 13.52
NA HEM R . -28.42 -3.67 16.02
NB HEM R . -28.85 0.11 13.87
NB HEM R . -30.21 -1.48 16.49
NC HEM R . -30.08 -1.27 16.16
NC HEM R . -29.03 0.03 14.28
ND HEM R . -28.36 -3.58 15.79
ND HEM R . -27.19 -2.20 13.80
FE HEM R . -28.61 -1.77 14.74
FE HEM R . -28.67 -1.80 15.22
NA NA S . -8.35 9.13 30.63
K K T . -50.81 -29.57 15.17
NA NA U . -46.75 -15.21 -1.22
FE1 FES V . 49.71 0.06 0.57
FE2 FES V . 52.31 -1.01 0.40
S1 FES V . 51.59 0.88 -0.39
S2 FES V . 50.51 -1.76 1.50
P PO4 W . 60.64 8.07 1.51
O1 PO4 W . 59.28 8.01 0.86
O2 PO4 W . 60.52 7.95 3.01
O3 PO4 W . 61.50 6.92 1.03
O4 PO4 W . 61.24 9.44 1.12
FE1 FES X . -8.30 9.76 -35.98
FE2 FES X . -8.35 9.31 -38.85
S1 FES X . -9.05 11.01 -37.66
S2 FES X . -7.44 8.13 -37.19
FE1 FES Y . -48.32 8.89 22.45
FE2 FES Y . -45.57 9.25 22.58
S1 FES Y . -46.72 7.81 21.32
S2 FES Y . -47.22 10.46 23.58
#